data_6IBM
#
_entry.id   6IBM
#
_cell.length_a   90.340
_cell.length_b   90.340
_cell.length_c   216.000
_cell.angle_alpha   90.00
_cell.angle_beta   90.00
_cell.angle_gamma   120.00
#
_symmetry.space_group_name_H-M   'P 32 2 1'
#
loop_
_entity.id
_entity.type
_entity.pdbx_description
1 polymer 'Alpha-galactosidase A'
2 branched beta-D-mannopyranose-(1-4)-2-acetamido-2-deoxy-beta-D-glucopyranose-(1-4)-2-acetamido-2-deoxy-beta-D-glucopyranose
3 branched 2-acetamido-2-deoxy-beta-D-glucopyranose-(1-4)-2-acetamido-2-deoxy-beta-D-glucopyranose
4 branched alpha-D-mannopyranose-(1-2)-alpha-D-mannopyranose-(1-3)-[alpha-D-mannopyranose-(1-6)]beta-D-mannopyranose-(1-4)-2-acetamido-2-deoxy-beta-D-glucopyranose-(1-4)-2-acetamido-2-deoxy-beta-D-glucopyranose
5 non-polymer DI(HYDROXYETHYL)ETHER
6 non-polymer 'ACETATE ION'
7 non-polymer 'SULFATE ION'
8 non-polymer '[(1~{S},2~{R},3~{S},4~{S},5~{R},6~{S})-2-(hydroxymethyl)-3,4,5,6-tetrakis(oxidanyl)cyclohexyl] hydrogen sulfate'
9 non-polymer 1,2-ETHANEDIOL
10 water water
#
_entity_poly.entity_id   1
_entity_poly.type   'polypeptide(L)'
_entity_poly.pdbx_seq_one_letter_code
;LDNGLARTPTMGWLHWERFMCNLDCQEEPDSCISEKLFMEMAELMVSEGWKDAGYEYLCIDDCWMAPQRDSEGRLQADPQ
RFPHGIRQLANYVHSKGLKLGIYADVGNKTCAGFPGSFGYYDIDAQTFADWGVDLLKFDGCYCDSLENLADGYKHMSLAL
NRTGRSIVYSCEWPLYMWPFQKPNYTEIRQYCNHWRNFADIDDSWKSIKSILDWTSFNQERIVDVAGPGGWNDPDMLVIG
NFGLSWNQQVTQMALWAIMAAPLFMSNDLRHISPQAKALLQDKDVIAINQDPLGKQGYQLRQGDNFEVWERPLSGLAWAV
AMINRQEIGGPRSYTIAVASLGKGVACNPACFITQLLPVKRKLGFYEWTSRLRSHINPTGTVLLQLENTMQMSLKDLL
;
_entity_poly.pdbx_strand_id   A,B
#
# COMPACT_ATOMS: atom_id res chain seq x y z
N LEU A 1 -20.23 -20.59 -20.47
CA LEU A 1 -20.28 -22.08 -20.63
C LEU A 1 -21.60 -22.59 -20.04
N ASP A 2 -22.44 -23.16 -20.88
CA ASP A 2 -23.78 -23.62 -20.46
C ASP A 2 -23.69 -25.01 -19.83
N ASN A 3 -22.96 -25.17 -18.72
CA ASN A 3 -22.82 -26.45 -17.97
C ASN A 3 -23.62 -26.38 -16.67
N GLY A 4 -24.41 -25.32 -16.49
CA GLY A 4 -25.24 -25.13 -15.29
C GLY A 4 -24.43 -24.64 -14.10
N LEU A 5 -23.14 -24.38 -14.27
CA LEU A 5 -22.28 -23.93 -13.14
C LEU A 5 -21.96 -22.42 -13.27
N ALA A 6 -21.46 -21.85 -12.20
CA ALA A 6 -21.02 -20.44 -12.16
C ALA A 6 -22.21 -19.58 -12.59
N ARG A 7 -23.40 -19.90 -12.08
CA ARG A 7 -24.61 -19.09 -12.33
C ARG A 7 -24.44 -17.76 -11.60
N THR A 8 -23.67 -17.75 -10.53
CA THR A 8 -23.09 -16.52 -9.92
C THR A 8 -21.58 -16.70 -9.93
N PRO A 9 -20.81 -15.61 -9.79
CA PRO A 9 -19.36 -15.75 -9.88
C PRO A 9 -18.85 -16.71 -8.80
N THR A 10 -17.96 -17.64 -9.20
CA THR A 10 -17.35 -18.66 -8.32
C THR A 10 -16.65 -17.96 -7.15
N MET A 11 -16.87 -18.48 -5.94
CA MET A 11 -16.21 -18.00 -4.71
C MET A 11 -15.38 -19.15 -4.12
N GLY A 12 -14.15 -18.85 -3.70
CA GLY A 12 -13.36 -19.77 -2.89
C GLY A 12 -11.99 -19.26 -2.57
N TRP A 13 -11.01 -20.17 -2.62
CA TRP A 13 -9.61 -19.96 -2.17
C TRP A 13 -8.65 -20.65 -3.14
N LEU A 14 -7.59 -19.95 -3.52
CA LEU A 14 -6.57 -20.41 -4.49
C LEU A 14 -5.19 -20.09 -3.90
N HIS A 15 -4.24 -21.03 -3.94
CA HIS A 15 -2.94 -20.91 -3.22
C HIS A 15 -2.00 -19.91 -3.90
N TRP A 16 -2.18 -19.60 -5.18
CA TRP A 16 -1.02 -19.10 -5.97
C TRP A 16 -0.38 -17.84 -5.37
N GLU A 17 -1.14 -16.76 -5.20
CA GLU A 17 -0.51 -15.42 -4.95
C GLU A 17 0.26 -15.46 -3.63
N ARG A 18 -0.30 -16.10 -2.61
N ARG A 18 -0.30 -16.10 -2.61
CA ARG A 18 0.27 -16.16 -1.23
CA ARG A 18 0.25 -16.16 -1.23
C ARG A 18 1.32 -17.26 -1.12
C ARG A 18 1.31 -17.27 -1.10
N PHE A 19 1.06 -18.47 -1.64
CA PHE A 19 1.95 -19.66 -1.43
C PHE A 19 2.83 -20.00 -2.64
N MET A 20 2.45 -19.56 -3.84
N MET A 20 2.46 -19.54 -3.84
CA MET A 20 3.33 -19.61 -5.04
CA MET A 20 3.27 -19.63 -5.09
C MET A 20 3.75 -21.05 -5.32
C MET A 20 3.76 -21.08 -5.29
N CYS A 21 4.99 -21.29 -5.74
CA CYS A 21 5.53 -22.63 -6.04
C CYS A 21 6.55 -23.03 -4.96
N ASN A 22 6.15 -23.02 -3.69
CA ASN A 22 7.05 -23.37 -2.56
C ASN A 22 7.16 -24.90 -2.43
N LEU A 23 8.25 -25.50 -2.94
CA LEU A 23 8.46 -26.96 -2.89
C LEU A 23 9.30 -27.36 -1.67
N ASP A 24 9.80 -26.41 -0.86
CA ASP A 24 10.71 -26.69 0.28
C ASP A 24 9.93 -27.15 1.53
N CYS A 25 9.40 -28.37 1.56
CA CYS A 25 8.64 -28.86 2.74
C CYS A 25 9.58 -29.16 3.92
N GLN A 26 10.88 -29.37 3.67
CA GLN A 26 11.88 -29.65 4.74
C GLN A 26 12.10 -28.37 5.55
N GLU A 27 12.53 -27.27 4.93
CA GLU A 27 12.84 -26.00 5.65
C GLU A 27 11.55 -25.23 5.97
N GLU A 28 10.42 -25.47 5.27
CA GLU A 28 9.17 -24.67 5.44
C GLU A 28 7.91 -25.52 5.29
N PRO A 29 7.67 -26.50 6.19
CA PRO A 29 6.52 -27.41 6.06
C PRO A 29 5.13 -26.74 6.08
N ASP A 30 5.01 -25.59 6.74
CA ASP A 30 3.73 -24.82 6.89
C ASP A 30 3.37 -24.03 5.62
N SER A 31 4.34 -23.70 4.75
CA SER A 31 4.20 -22.78 3.58
C SER A 31 4.23 -23.53 2.24
N CYS A 32 4.59 -24.81 2.25
CA CYS A 32 4.97 -25.55 1.02
C CYS A 32 3.69 -26.07 0.41
N ILE A 33 3.71 -26.35 -0.89
CA ILE A 33 2.51 -26.83 -1.64
C ILE A 33 2.39 -28.32 -1.37
N SER A 34 1.45 -28.66 -0.49
CA SER A 34 1.30 -30.00 0.13
C SER A 34 -0.17 -30.22 0.47
N GLU A 35 -0.60 -31.47 0.62
CA GLU A 35 -2.00 -31.73 1.00
C GLU A 35 -2.28 -31.21 2.41
N LYS A 36 -1.31 -31.20 3.32
CA LYS A 36 -1.51 -30.60 4.66
C LYS A 36 -1.97 -29.15 4.51
N LEU A 37 -1.35 -28.36 3.63
CA LEU A 37 -1.75 -26.93 3.46
C LEU A 37 -3.23 -26.86 3.10
N PHE A 38 -3.68 -27.70 2.15
CA PHE A 38 -5.05 -27.65 1.61
C PHE A 38 -6.05 -28.14 2.66
N MET A 39 -5.67 -29.15 3.44
CA MET A 39 -6.54 -29.64 4.54
C MET A 39 -6.66 -28.56 5.61
N GLU A 40 -5.57 -27.87 5.92
CA GLU A 40 -5.63 -26.80 6.95
C GLU A 40 -6.63 -25.75 6.47
N MET A 41 -6.55 -25.33 5.20
CA MET A 41 -7.43 -24.28 4.64
C MET A 41 -8.86 -24.79 4.61
N ALA A 42 -9.09 -26.06 4.26
CA ALA A 42 -10.44 -26.69 4.21
C ALA A 42 -11.11 -26.60 5.59
N GLU A 43 -10.38 -26.92 6.65
CA GLU A 43 -10.88 -26.95 8.05
C GLU A 43 -11.31 -25.53 8.46
N LEU A 44 -10.47 -24.56 8.14
CA LEU A 44 -10.71 -23.15 8.52
C LEU A 44 -11.85 -22.55 7.69
N MET A 45 -11.98 -22.90 6.42
CA MET A 45 -13.13 -22.43 5.58
C MET A 45 -14.45 -22.82 6.25
N VAL A 46 -14.52 -24.01 6.84
CA VAL A 46 -15.69 -24.47 7.65
C VAL A 46 -15.72 -23.72 8.98
N SER A 47 -14.66 -23.81 9.78
CA SER A 47 -14.64 -23.41 11.20
C SER A 47 -14.74 -21.89 11.33
N GLU A 48 -14.17 -21.11 10.40
CA GLU A 48 -14.04 -19.64 10.52
C GLU A 48 -15.09 -18.89 9.69
N GLY A 49 -16.12 -19.56 9.15
CA GLY A 49 -17.28 -18.86 8.57
C GLY A 49 -17.15 -18.58 7.08
N TRP A 50 -16.12 -19.05 6.39
CA TRP A 50 -15.88 -18.78 4.95
C TRP A 50 -16.93 -19.45 4.05
N LYS A 51 -17.22 -20.72 4.30
CA LYS A 51 -18.19 -21.54 3.54
C LYS A 51 -19.56 -20.90 3.72
N ASP A 52 -19.88 -20.55 4.95
CA ASP A 52 -21.18 -19.88 5.25
C ASP A 52 -21.28 -18.57 4.46
N ALA A 53 -20.19 -17.84 4.24
CA ALA A 53 -20.25 -16.55 3.53
C ALA A 53 -20.28 -16.82 2.02
N GLY A 54 -19.96 -18.06 1.58
CA GLY A 54 -20.15 -18.53 0.19
C GLY A 54 -18.86 -19.00 -0.47
N TYR A 55 -17.73 -18.89 0.21
CA TYR A 55 -16.41 -19.40 -0.27
C TYR A 55 -16.47 -20.93 -0.26
N GLU A 56 -16.53 -21.53 -1.44
CA GLU A 56 -16.96 -22.95 -1.61
C GLU A 56 -15.87 -23.75 -2.34
N TYR A 57 -15.07 -23.15 -3.20
CA TYR A 57 -14.07 -23.90 -3.98
C TYR A 57 -12.67 -23.71 -3.37
N LEU A 58 -12.12 -24.78 -2.82
CA LEU A 58 -10.72 -24.89 -2.36
C LEU A 58 -9.87 -25.34 -3.54
N CYS A 59 -8.98 -24.48 -4.04
CA CYS A 59 -8.36 -24.65 -5.38
C CYS A 59 -6.86 -24.73 -5.25
N ILE A 60 -6.32 -25.76 -5.89
CA ILE A 60 -4.88 -26.01 -6.07
C ILE A 60 -4.47 -25.32 -7.37
N ASP A 61 -3.41 -24.53 -7.32
CA ASP A 61 -2.82 -23.85 -8.50
C ASP A 61 -1.63 -24.70 -8.92
N ASP A 62 -0.65 -24.12 -9.60
CA ASP A 62 0.49 -24.87 -10.18
C ASP A 62 1.34 -25.47 -9.04
N CYS A 63 2.21 -26.43 -9.40
CA CYS A 63 3.27 -27.04 -8.56
C CYS A 63 2.69 -28.11 -7.60
N TRP A 64 1.58 -28.76 -7.96
CA TRP A 64 1.04 -29.96 -7.25
C TRP A 64 1.50 -31.29 -7.90
N MET A 65 2.07 -31.23 -9.11
CA MET A 65 2.33 -32.42 -9.99
C MET A 65 3.67 -33.08 -9.66
N ALA A 66 3.75 -34.41 -9.78
CA ALA A 66 5.02 -35.16 -9.97
C ALA A 66 5.72 -34.65 -11.23
N PRO A 67 7.07 -34.74 -11.32
CA PRO A 67 7.79 -34.18 -12.46
C PRO A 67 7.49 -34.87 -13.80
N GLN A 68 6.95 -36.09 -13.77
CA GLN A 68 6.67 -36.95 -14.95
C GLN A 68 5.28 -37.58 -14.83
N ARG A 69 4.64 -37.88 -15.96
CA ARG A 69 3.38 -38.69 -15.99
C ARG A 69 3.73 -40.13 -15.56
N ASP A 70 2.74 -40.97 -15.37
CA ASP A 70 2.95 -42.37 -14.90
C ASP A 70 3.12 -43.29 -16.13
N SER A 71 3.32 -44.58 -15.88
CA SER A 71 3.45 -45.65 -16.90
C SER A 71 2.25 -45.62 -17.84
N GLU A 72 1.06 -45.34 -17.31
CA GLU A 72 -0.24 -45.32 -18.05
C GLU A 72 -0.51 -43.93 -18.65
N GLY A 73 0.46 -43.00 -18.60
CA GLY A 73 0.43 -41.69 -19.29
C GLY A 73 -0.37 -40.61 -18.57
N ARG A 74 -0.73 -40.82 -17.31
CA ARG A 74 -1.60 -39.90 -16.53
C ARG A 74 -0.74 -38.95 -15.69
N LEU A 75 -1.29 -37.75 -15.41
CA LEU A 75 -0.77 -36.79 -14.41
C LEU A 75 -0.80 -37.47 -13.05
N GLN A 76 0.22 -37.22 -12.23
CA GLN A 76 0.27 -37.68 -10.82
C GLN A 76 0.54 -36.47 -9.94
N ALA A 77 0.01 -36.55 -8.72
CA ALA A 77 0.36 -35.69 -7.59
C ALA A 77 1.78 -36.06 -7.18
N ASP A 78 2.59 -35.08 -6.85
CA ASP A 78 3.89 -35.31 -6.17
C ASP A 78 3.69 -36.36 -5.08
N PRO A 79 4.44 -37.48 -5.12
CA PRO A 79 4.24 -38.56 -4.15
C PRO A 79 4.60 -38.16 -2.70
N GLN A 80 5.51 -37.20 -2.50
CA GLN A 80 5.90 -36.72 -1.14
C GLN A 80 4.91 -35.66 -0.61
N ARG A 81 4.60 -34.64 -1.42
CA ARG A 81 3.80 -33.47 -0.95
C ARG A 81 2.30 -33.81 -0.97
N PHE A 82 1.87 -34.74 -1.83
CA PHE A 82 0.45 -35.19 -1.92
C PHE A 82 0.39 -36.72 -1.81
N PRO A 83 0.84 -37.32 -0.68
CA PRO A 83 1.02 -38.78 -0.61
C PRO A 83 -0.27 -39.59 -0.71
N HIS A 84 -1.41 -39.05 -0.23
CA HIS A 84 -2.74 -39.71 -0.29
C HIS A 84 -3.36 -39.49 -1.67
N GLY A 85 -2.81 -38.57 -2.48
CA GLY A 85 -3.23 -38.31 -3.87
C GLY A 85 -4.49 -37.46 -3.95
N ILE A 86 -4.80 -36.96 -5.15
CA ILE A 86 -5.85 -35.92 -5.32
C ILE A 86 -7.22 -36.53 -5.00
N ARG A 87 -7.53 -37.73 -5.49
CA ARG A 87 -8.87 -38.34 -5.27
C ARG A 87 -9.19 -38.29 -3.77
N GLN A 88 -8.26 -38.71 -2.94
CA GLN A 88 -8.41 -38.76 -1.46
C GLN A 88 -8.55 -37.34 -0.89
N LEU A 89 -7.84 -36.36 -1.46
CA LEU A 89 -7.95 -34.96 -1.00
C LEU A 89 -9.34 -34.42 -1.36
N ALA A 90 -9.81 -34.74 -2.58
CA ALA A 90 -11.18 -34.41 -3.02
C ALA A 90 -12.18 -34.99 -2.02
N ASN A 91 -11.99 -36.24 -1.59
CA ASN A 91 -12.92 -36.92 -0.66
C ASN A 91 -13.00 -36.11 0.63
N TYR A 92 -11.86 -35.71 1.18
CA TYR A 92 -11.81 -34.91 2.43
C TYR A 92 -12.52 -33.56 2.24
N VAL A 93 -12.23 -32.90 1.12
CA VAL A 93 -12.81 -31.55 0.89
C VAL A 93 -14.33 -31.69 0.77
N HIS A 94 -14.80 -32.71 0.04
CA HIS A 94 -16.26 -33.02 -0.09
C HIS A 94 -16.87 -33.31 1.28
N SER A 95 -16.17 -34.02 2.19
CA SER A 95 -16.75 -34.38 3.52
C SER A 95 -17.03 -33.12 4.33
N LYS A 96 -16.40 -32.00 3.99
CA LYS A 96 -16.57 -30.69 4.70
C LYS A 96 -17.59 -29.81 3.97
N GLY A 97 -18.24 -30.35 2.93
CA GLY A 97 -19.23 -29.63 2.12
C GLY A 97 -18.60 -28.62 1.18
N LEU A 98 -17.34 -28.80 0.80
CA LEU A 98 -16.60 -27.89 -0.11
C LEU A 98 -16.34 -28.60 -1.43
N LYS A 99 -15.76 -27.88 -2.39
CA LYS A 99 -15.38 -28.41 -3.72
C LYS A 99 -13.88 -28.16 -3.92
N LEU A 100 -13.29 -28.95 -4.79
CA LEU A 100 -11.83 -28.94 -5.03
C LEU A 100 -11.56 -28.47 -6.45
N GLY A 101 -10.64 -27.51 -6.57
CA GLY A 101 -10.13 -27.04 -7.85
C GLY A 101 -8.75 -27.56 -8.05
N ILE A 102 -8.37 -27.88 -9.28
CA ILE A 102 -6.97 -28.25 -9.62
C ILE A 102 -6.52 -27.41 -10.82
N TYR A 103 -5.28 -27.61 -11.26
CA TYR A 103 -4.59 -26.76 -12.26
C TYR A 103 -3.95 -27.68 -13.29
N ALA A 104 -4.00 -27.28 -14.56
CA ALA A 104 -3.26 -27.84 -15.72
C ALA A 104 -2.92 -26.69 -16.65
N ASP A 105 -2.22 -26.99 -17.73
CA ASP A 105 -1.76 -25.99 -18.73
C ASP A 105 -2.05 -26.55 -20.14
N VAL A 106 -2.61 -25.70 -21.01
CA VAL A 106 -3.01 -26.02 -22.41
C VAL A 106 -1.78 -26.48 -23.23
N GLY A 107 -0.58 -26.02 -22.89
CA GLY A 107 0.66 -26.30 -23.64
C GLY A 107 1.40 -27.56 -23.22
N ASN A 108 2.71 -27.58 -23.46
CA ASN A 108 3.59 -28.77 -23.30
C ASN A 108 4.14 -28.85 -21.89
N LYS A 109 4.25 -27.71 -21.20
CA LYS A 109 4.57 -27.65 -19.76
C LYS A 109 3.57 -26.71 -19.07
N THR A 110 3.39 -26.88 -17.76
CA THR A 110 2.78 -25.84 -16.91
C THR A 110 3.74 -24.65 -16.86
N CYS A 111 3.25 -23.49 -16.41
CA CYS A 111 4.11 -22.28 -16.36
C CYS A 111 5.32 -22.52 -15.48
N ALA A 112 5.18 -23.28 -14.41
CA ALA A 112 6.29 -23.55 -13.45
C ALA A 112 7.09 -24.79 -13.90
N GLY A 113 6.71 -25.44 -15.00
CA GLY A 113 7.57 -26.37 -15.77
C GLY A 113 7.25 -27.83 -15.49
N PHE A 114 6.05 -28.13 -14.98
CA PHE A 114 5.55 -29.52 -14.76
C PHE A 114 4.84 -29.98 -16.03
N PRO A 115 4.41 -31.26 -16.12
CA PRO A 115 3.71 -31.77 -17.31
C PRO A 115 2.57 -30.88 -17.86
N GLY A 116 2.71 -30.47 -19.13
CA GLY A 116 1.65 -29.85 -19.95
C GLY A 116 0.61 -30.86 -20.38
N SER A 117 -0.57 -30.41 -20.78
CA SER A 117 -1.73 -31.28 -21.14
C SER A 117 -1.86 -31.41 -22.67
N PHE A 118 -1.18 -30.58 -23.46
CA PHE A 118 -1.10 -30.76 -24.93
C PHE A 118 -0.78 -32.24 -25.25
N GLY A 119 -1.58 -32.83 -26.12
CA GLY A 119 -1.52 -34.25 -26.48
C GLY A 119 -2.33 -35.12 -25.55
N TYR A 120 -2.70 -34.63 -24.36
CA TYR A 120 -3.29 -35.46 -23.26
C TYR A 120 -4.63 -34.90 -22.78
N TYR A 121 -5.25 -34.00 -23.54
CA TYR A 121 -6.46 -33.25 -23.10
C TYR A 121 -7.55 -34.23 -22.63
N ASP A 122 -7.81 -35.30 -23.40
CA ASP A 122 -8.89 -36.29 -23.13
C ASP A 122 -8.59 -37.07 -21.85
N ILE A 123 -7.37 -37.57 -21.70
CA ILE A 123 -6.96 -38.39 -20.52
C ILE A 123 -7.00 -37.49 -19.29
N ASP A 124 -6.41 -36.30 -19.40
CA ASP A 124 -6.30 -35.35 -18.27
C ASP A 124 -7.71 -35.02 -17.80
N ALA A 125 -8.62 -34.70 -18.73
CA ALA A 125 -10.03 -34.44 -18.39
C ALA A 125 -10.59 -35.60 -17.54
N GLN A 126 -10.38 -36.85 -17.98
CA GLN A 126 -11.03 -38.05 -17.38
C GLN A 126 -10.36 -38.37 -16.04
N THR A 127 -9.04 -38.21 -15.98
CA THR A 127 -8.25 -38.24 -14.72
C THR A 127 -8.92 -37.29 -13.72
N PHE A 128 -9.09 -36.01 -14.07
CA PHE A 128 -9.66 -34.98 -13.15
C PHE A 128 -11.05 -35.44 -12.71
N ALA A 129 -11.86 -35.95 -13.62
CA ALA A 129 -13.26 -36.38 -13.34
C ALA A 129 -13.26 -37.56 -12.35
N ASP A 130 -12.38 -38.54 -12.60
CA ASP A 130 -12.21 -39.76 -11.76
C ASP A 130 -11.77 -39.35 -10.36
N TRP A 131 -10.85 -38.40 -10.23
CA TRP A 131 -10.34 -37.88 -8.93
C TRP A 131 -11.41 -37.13 -8.11
N GLY A 132 -12.54 -36.75 -8.71
CA GLY A 132 -13.62 -36.00 -8.01
C GLY A 132 -13.39 -34.49 -8.01
N VAL A 133 -12.55 -33.98 -8.91
CA VAL A 133 -12.25 -32.53 -9.10
C VAL A 133 -13.54 -31.79 -9.47
N ASP A 134 -13.76 -30.61 -8.91
CA ASP A 134 -15.01 -29.81 -9.14
C ASP A 134 -14.70 -28.56 -9.95
N LEU A 135 -13.42 -28.28 -10.24
CA LEU A 135 -13.00 -27.04 -10.96
C LEU A 135 -11.62 -27.24 -11.57
N LEU A 136 -11.42 -26.75 -12.80
CA LEU A 136 -10.09 -26.72 -13.44
C LEU A 136 -9.75 -25.28 -13.81
N LYS A 137 -8.59 -24.81 -13.33
CA LYS A 137 -7.90 -23.62 -13.86
C LYS A 137 -6.86 -24.08 -14.88
N PHE A 138 -6.91 -23.52 -16.09
CA PHE A 138 -6.18 -24.03 -17.26
C PHE A 138 -5.29 -22.90 -17.80
N ASP A 139 -4.04 -22.90 -17.39
CA ASP A 139 -3.09 -21.80 -17.68
C ASP A 139 -2.55 -21.98 -19.12
N GLY A 140 -1.89 -20.95 -19.67
CA GLY A 140 -1.64 -20.81 -21.11
C GLY A 140 -0.18 -20.93 -21.52
N CYS A 141 0.74 -21.35 -20.65
CA CYS A 141 2.20 -21.31 -20.96
C CYS A 141 2.60 -22.43 -21.94
N TYR A 142 3.71 -22.21 -22.66
CA TYR A 142 4.38 -23.23 -23.51
C TYR A 142 3.39 -23.75 -24.57
N CYS A 143 2.82 -22.80 -25.31
CA CYS A 143 1.88 -23.03 -26.43
C CYS A 143 2.40 -22.24 -27.64
N ASP A 144 2.80 -22.95 -28.69
CA ASP A 144 3.62 -22.41 -29.80
C ASP A 144 2.80 -21.66 -30.84
N SER A 145 1.46 -21.73 -30.85
CA SER A 145 0.60 -21.02 -31.85
C SER A 145 -0.78 -20.62 -31.28
N LEU A 146 -1.42 -19.58 -31.83
CA LEU A 146 -2.82 -19.15 -31.50
C LEU A 146 -3.76 -20.31 -31.83
N GLU A 147 -3.49 -21.04 -32.91
CA GLU A 147 -4.27 -22.22 -33.36
C GLU A 147 -4.25 -23.27 -32.24
N ASN A 148 -3.08 -23.62 -31.74
CA ASN A 148 -2.95 -24.62 -30.65
C ASN A 148 -3.66 -24.10 -29.38
N LEU A 149 -3.52 -22.80 -29.09
CA LEU A 149 -4.13 -22.16 -27.88
C LEU A 149 -5.65 -22.33 -27.94
N ALA A 150 -6.28 -21.85 -29.02
CA ALA A 150 -7.74 -21.97 -29.27
C ALA A 150 -8.14 -23.45 -29.22
N ASP A 151 -7.55 -24.29 -30.07
CA ASP A 151 -7.95 -25.73 -30.17
C ASP A 151 -7.87 -26.39 -28.78
N GLY A 152 -6.79 -26.14 -28.04
CA GLY A 152 -6.56 -26.69 -26.68
C GLY A 152 -7.66 -26.28 -25.68
N TYR A 153 -7.92 -24.97 -25.56
CA TYR A 153 -8.99 -24.45 -24.67
C TYR A 153 -10.34 -25.07 -25.05
N LYS A 154 -10.65 -25.16 -26.34
CA LYS A 154 -11.94 -25.76 -26.82
C LYS A 154 -11.95 -27.26 -26.53
N HIS A 155 -10.84 -27.94 -26.81
CA HIS A 155 -10.72 -29.42 -26.70
C HIS A 155 -10.91 -29.81 -25.22
N MET A 156 -10.19 -29.14 -24.32
CA MET A 156 -10.33 -29.41 -22.86
C MET A 156 -11.78 -29.12 -22.44
N SER A 157 -12.42 -28.08 -22.99
CA SER A 157 -13.82 -27.75 -22.65
C SER A 157 -14.71 -28.93 -23.02
N LEU A 158 -14.54 -29.45 -24.24
CA LEU A 158 -15.39 -30.55 -24.76
C LEU A 158 -15.06 -31.83 -23.99
N ALA A 159 -13.77 -32.09 -23.71
CA ALA A 159 -13.32 -33.29 -22.94
C ALA A 159 -13.88 -33.24 -21.51
N LEU A 160 -13.92 -32.07 -20.86
CA LEU A 160 -14.49 -31.99 -19.49
C LEU A 160 -15.98 -32.38 -19.57
N ASN A 161 -16.70 -31.77 -20.49
CA ASN A 161 -18.15 -32.03 -20.71
C ASN A 161 -18.41 -33.55 -20.85
N ARG A 162 -17.56 -34.25 -21.59
CA ARG A 162 -17.78 -35.67 -21.98
C ARG A 162 -17.58 -36.56 -20.76
N THR A 163 -16.77 -36.17 -19.77
CA THR A 163 -16.61 -36.96 -18.51
C THR A 163 -17.97 -37.15 -17.82
N GLY A 164 -18.93 -36.26 -18.07
CA GLY A 164 -20.22 -36.28 -17.35
C GLY A 164 -20.18 -35.63 -15.98
N ARG A 165 -19.00 -35.24 -15.46
CA ARG A 165 -18.92 -34.57 -14.14
C ARG A 165 -18.99 -33.05 -14.32
N SER A 166 -19.82 -32.39 -13.53
CA SER A 166 -19.89 -30.91 -13.32
C SER A 166 -18.55 -30.36 -12.84
N ILE A 167 -17.77 -29.74 -13.74
CA ILE A 167 -16.42 -29.17 -13.48
C ILE A 167 -16.38 -27.73 -14.01
N VAL A 168 -16.30 -26.75 -13.10
CA VAL A 168 -16.09 -25.31 -13.42
C VAL A 168 -14.78 -25.21 -14.20
N TYR A 169 -14.81 -24.55 -15.37
CA TYR A 169 -13.68 -24.44 -16.32
C TYR A 169 -13.24 -22.98 -16.35
N SER A 170 -12.11 -22.72 -15.70
CA SER A 170 -11.46 -21.40 -15.57
C SER A 170 -10.35 -21.37 -16.62
N CYS A 171 -10.43 -20.46 -17.60
CA CYS A 171 -9.55 -20.38 -18.80
C CYS A 171 -8.62 -19.19 -18.71
N GLU A 172 -7.47 -19.24 -19.39
CA GLU A 172 -6.57 -18.06 -19.52
C GLU A 172 -6.38 -17.72 -21.01
N TRP A 173 -7.36 -18.08 -21.82
CA TRP A 173 -7.34 -17.99 -23.28
C TRP A 173 -7.19 -16.53 -23.70
N PRO A 174 -7.97 -15.57 -23.18
CA PRO A 174 -7.81 -14.18 -23.58
C PRO A 174 -6.42 -13.65 -23.25
N LEU A 175 -6.00 -13.80 -22.00
CA LEU A 175 -4.69 -13.33 -21.51
C LEU A 175 -3.58 -13.73 -22.51
N TYR A 176 -3.52 -15.01 -22.92
CA TYR A 176 -2.37 -15.56 -23.71
C TYR A 176 -2.49 -15.22 -25.20
N MET A 177 -3.66 -14.74 -25.62
CA MET A 177 -3.99 -14.40 -27.00
C MET A 177 -3.74 -12.91 -27.24
N TRP A 178 -4.18 -12.06 -26.31
CA TRP A 178 -4.21 -10.57 -26.38
C TRP A 178 -2.93 -9.96 -26.93
N PRO A 179 -1.72 -10.47 -26.63
CA PRO A 179 -0.50 -9.89 -27.21
C PRO A 179 -0.48 -9.93 -28.75
N PHE A 180 -1.23 -10.85 -29.38
CA PHE A 180 -1.08 -11.25 -30.80
C PHE A 180 -2.32 -10.90 -31.60
N GLN A 181 -3.52 -11.19 -31.06
CA GLN A 181 -4.78 -10.75 -31.69
C GLN A 181 -5.89 -10.56 -30.65
N LYS A 182 -6.90 -9.78 -31.01
CA LYS A 182 -8.01 -9.44 -30.11
C LYS A 182 -8.84 -10.70 -29.89
N PRO A 183 -9.04 -11.17 -28.64
CA PRO A 183 -9.87 -12.34 -28.41
C PRO A 183 -11.32 -12.13 -28.83
N ASN A 184 -11.97 -13.20 -29.30
CA ASN A 184 -13.44 -13.22 -29.52
C ASN A 184 -14.12 -13.77 -28.24
N TYR A 185 -14.70 -12.86 -27.47
CA TYR A 185 -15.19 -13.13 -26.10
C TYR A 185 -16.46 -13.95 -26.19
N THR A 186 -17.29 -13.71 -27.21
CA THR A 186 -18.50 -14.52 -27.50
C THR A 186 -18.07 -15.98 -27.61
N GLU A 187 -17.05 -16.27 -28.41
CA GLU A 187 -16.50 -17.65 -28.57
C GLU A 187 -15.92 -18.13 -27.23
N ILE A 188 -15.12 -17.31 -26.54
CA ILE A 188 -14.48 -17.74 -25.28
C ILE A 188 -15.58 -18.18 -24.29
N ARG A 189 -16.65 -17.41 -24.19
CA ARG A 189 -17.74 -17.66 -23.22
C ARG A 189 -18.44 -19.00 -23.53
N GLN A 190 -18.59 -19.36 -24.80
CA GLN A 190 -19.20 -20.66 -25.20
C GLN A 190 -18.41 -21.82 -24.59
N TYR A 191 -17.10 -21.66 -24.39
CA TYR A 191 -16.20 -22.75 -23.91
C TYR A 191 -15.81 -22.63 -22.42
N CYS A 192 -15.98 -21.47 -21.76
CA CYS A 192 -15.35 -21.19 -20.44
C CYS A 192 -16.35 -20.60 -19.44
N ASN A 193 -16.29 -21.03 -18.18
CA ASN A 193 -17.11 -20.43 -17.08
C ASN A 193 -16.52 -19.10 -16.59
N HIS A 194 -15.21 -18.94 -16.63
CA HIS A 194 -14.54 -17.63 -16.47
C HIS A 194 -13.18 -17.61 -17.18
N TRP A 195 -12.68 -16.41 -17.41
CA TRP A 195 -11.49 -16.25 -18.28
C TRP A 195 -10.63 -15.10 -17.75
N ARG A 196 -9.35 -15.40 -17.55
CA ARG A 196 -8.35 -14.40 -17.16
C ARG A 196 -8.10 -13.51 -18.39
N ASN A 197 -8.24 -12.19 -18.21
CA ASN A 197 -8.03 -11.15 -19.25
C ASN A 197 -6.61 -10.57 -19.18
N PHE A 198 -5.99 -10.53 -18.00
CA PHE A 198 -4.88 -9.58 -17.70
C PHE A 198 -3.85 -10.26 -16.81
N ALA A 199 -2.68 -9.62 -16.74
CA ALA A 199 -1.47 -10.01 -15.99
C ALA A 199 -1.83 -10.38 -14.55
N ASP A 200 -1.13 -11.37 -14.01
CA ASP A 200 -1.26 -11.86 -12.62
C ASP A 200 -1.28 -10.68 -11.65
N ILE A 201 -2.23 -10.73 -10.71
CA ILE A 201 -2.26 -9.81 -9.55
C ILE A 201 -1.02 -10.11 -8.68
N ASP A 202 -0.49 -9.10 -8.00
CA ASP A 202 0.42 -9.36 -6.85
C ASP A 202 -0.07 -8.54 -5.65
N ASP A 203 0.68 -8.59 -4.56
CA ASP A 203 0.27 -7.97 -3.27
C ASP A 203 0.68 -6.50 -3.31
N SER A 204 0.10 -5.72 -4.21
CA SER A 204 0.41 -4.29 -4.38
C SER A 204 -0.81 -3.50 -4.85
N TRP A 205 -0.89 -2.26 -4.41
CA TRP A 205 -1.83 -1.27 -4.96
C TRP A 205 -1.58 -1.00 -6.45
N LYS A 206 -0.33 -1.02 -6.92
CA LYS A 206 0.00 -0.80 -8.36
C LYS A 206 -0.74 -1.83 -9.21
N SER A 207 -0.75 -3.07 -8.75
CA SER A 207 -1.37 -4.23 -9.41
C SER A 207 -2.88 -4.02 -9.51
N ILE A 208 -3.51 -3.66 -8.39
CA ILE A 208 -4.96 -3.38 -8.38
C ILE A 208 -5.31 -2.27 -9.38
N LYS A 209 -4.66 -1.11 -9.29
CA LYS A 209 -4.89 0.03 -10.23
C LYS A 209 -4.72 -0.42 -11.68
N SER A 210 -3.72 -1.25 -11.98
N SER A 210 -3.71 -1.24 -11.97
CA SER A 210 -3.46 -1.67 -13.38
CA SER A 210 -3.45 -1.71 -13.37
C SER A 210 -4.60 -2.58 -13.87
C SER A 210 -4.65 -2.53 -13.84
N ILE A 211 -5.11 -3.46 -13.00
CA ILE A 211 -6.30 -4.32 -13.33
C ILE A 211 -7.54 -3.45 -13.54
N LEU A 212 -7.83 -2.50 -12.66
CA LEU A 212 -9.01 -1.64 -12.86
C LEU A 212 -8.83 -0.86 -14.16
N ASP A 213 -7.64 -0.36 -14.43
CA ASP A 213 -7.40 0.52 -15.61
C ASP A 213 -7.54 -0.29 -16.88
N TRP A 214 -7.03 -1.52 -16.89
CA TRP A 214 -7.22 -2.41 -18.07
C TRP A 214 -8.71 -2.66 -18.29
N THR A 215 -9.44 -2.95 -17.22
CA THR A 215 -10.87 -3.33 -17.27
C THR A 215 -11.68 -2.14 -17.79
N SER A 216 -11.50 -0.92 -17.24
CA SER A 216 -12.22 0.29 -17.70
C SER A 216 -11.83 0.61 -19.16
N PHE A 217 -10.60 0.34 -19.57
CA PHE A 217 -10.16 0.66 -20.95
C PHE A 217 -10.87 -0.26 -21.94
N ASN A 218 -11.12 -1.50 -21.53
CA ASN A 218 -11.58 -2.60 -22.42
C ASN A 218 -13.07 -2.89 -22.19
N GLN A 219 -13.80 -2.04 -21.49
CA GLN A 219 -15.13 -2.43 -20.96
C GLN A 219 -16.12 -2.64 -22.12
N GLU A 220 -15.97 -1.89 -23.23
CA GLU A 220 -16.81 -1.99 -24.45
C GLU A 220 -16.78 -3.44 -24.93
N ARG A 221 -15.63 -4.11 -24.79
CA ARG A 221 -15.43 -5.43 -25.42
C ARG A 221 -15.86 -6.54 -24.44
N ILE A 222 -15.87 -6.30 -23.13
CA ILE A 222 -15.94 -7.44 -22.16
C ILE A 222 -17.18 -7.39 -21.26
N VAL A 223 -17.80 -6.24 -21.03
CA VAL A 223 -18.83 -6.12 -19.95
C VAL A 223 -20.08 -6.93 -20.32
N ASP A 224 -20.56 -6.76 -21.54
CA ASP A 224 -21.86 -7.32 -22.00
C ASP A 224 -21.75 -8.84 -22.16
N VAL A 225 -20.56 -9.40 -22.41
CA VAL A 225 -20.44 -10.88 -22.62
C VAL A 225 -20.59 -11.58 -21.26
N ALA A 226 -20.29 -10.90 -20.15
CA ALA A 226 -20.34 -11.48 -18.81
C ALA A 226 -21.80 -11.75 -18.40
N GLY A 227 -22.05 -12.80 -17.65
CA GLY A 227 -23.41 -13.16 -17.19
C GLY A 227 -23.42 -14.58 -16.68
N PRO A 228 -24.54 -15.03 -16.07
CA PRO A 228 -24.61 -16.35 -15.46
C PRO A 228 -23.97 -17.42 -16.37
N GLY A 229 -22.93 -18.10 -15.89
CA GLY A 229 -22.20 -19.18 -16.59
C GLY A 229 -20.90 -18.71 -17.23
N GLY A 230 -20.59 -17.40 -17.20
CA GLY A 230 -19.42 -16.84 -17.92
C GLY A 230 -18.99 -15.48 -17.42
N TRP A 231 -17.83 -15.38 -16.76
CA TRP A 231 -17.39 -14.15 -16.07
C TRP A 231 -15.98 -13.74 -16.48
N ASN A 232 -15.74 -12.43 -16.50
CA ASN A 232 -14.41 -11.83 -16.60
C ASN A 232 -13.69 -12.13 -15.28
N ASP A 233 -12.47 -12.64 -15.37
CA ASP A 233 -11.69 -12.98 -14.15
C ASP A 233 -10.53 -11.99 -14.05
N PRO A 234 -10.60 -11.01 -13.13
CA PRO A 234 -9.55 -10.02 -12.91
C PRO A 234 -8.50 -10.49 -11.90
N ASP A 235 -8.55 -11.79 -11.56
CA ASP A 235 -7.56 -12.53 -10.73
C ASP A 235 -7.94 -12.37 -9.25
N MET A 236 -7.11 -12.95 -8.38
CA MET A 236 -7.41 -13.28 -6.97
C MET A 236 -7.58 -12.01 -6.10
N LEU A 237 -8.41 -12.12 -5.07
CA LEU A 237 -8.45 -11.20 -3.91
C LEU A 237 -7.17 -11.41 -3.11
N VAL A 238 -6.47 -10.33 -2.79
CA VAL A 238 -5.20 -10.39 -2.00
C VAL A 238 -5.42 -9.71 -0.65
N ILE A 239 -6.68 -9.45 -0.30
CA ILE A 239 -7.07 -8.91 1.03
C ILE A 239 -6.58 -9.93 2.07
N GLY A 240 -5.97 -9.45 3.15
CA GLY A 240 -5.50 -10.28 4.28
C GLY A 240 -4.02 -10.58 4.22
N ASN A 241 -3.30 -10.10 3.19
CA ASN A 241 -1.83 -10.28 3.02
C ASN A 241 -1.12 -8.99 3.48
N PHE A 242 -0.14 -8.50 2.74
CA PHE A 242 0.92 -7.61 3.28
C PHE A 242 1.03 -6.26 2.54
N GLY A 243 0.55 -6.19 1.29
CA GLY A 243 0.90 -5.11 0.34
C GLY A 243 -0.13 -3.99 0.28
N LEU A 244 -1.33 -4.23 0.81
CA LEU A 244 -2.47 -3.29 0.65
C LEU A 244 -2.78 -2.63 1.98
N SER A 245 -2.95 -1.30 1.96
CA SER A 245 -3.61 -0.55 3.05
C SER A 245 -5.09 -0.98 3.19
N TRP A 246 -5.69 -0.64 4.31
CA TRP A 246 -7.13 -0.87 4.55
C TRP A 246 -7.93 -0.29 3.38
N ASN A 247 -7.67 0.96 3.00
CA ASN A 247 -8.43 1.65 1.93
C ASN A 247 -8.22 0.90 0.60
N GLN A 248 -7.05 0.34 0.35
CA GLN A 248 -6.76 -0.40 -0.92
C GLN A 248 -7.48 -1.76 -0.91
N GLN A 249 -7.56 -2.39 0.25
CA GLN A 249 -8.32 -3.65 0.45
C GLN A 249 -9.81 -3.39 0.18
N VAL A 250 -10.33 -2.26 0.68
CA VAL A 250 -11.75 -1.85 0.51
C VAL A 250 -11.99 -1.64 -0.98
N THR A 251 -11.05 -0.98 -1.64
CA THR A 251 -11.16 -0.79 -3.10
C THR A 251 -11.21 -2.15 -3.79
N GLN A 252 -10.35 -3.09 -3.43
CA GLN A 252 -10.40 -4.40 -4.15
C GLN A 252 -11.76 -5.06 -3.91
N MET A 253 -12.24 -5.14 -2.68
CA MET A 253 -13.50 -5.87 -2.37
C MET A 253 -14.66 -5.18 -3.09
N ALA A 254 -14.74 -3.85 -3.04
CA ALA A 254 -15.82 -3.07 -3.67
C ALA A 254 -15.80 -3.28 -5.19
N LEU A 255 -14.64 -3.19 -5.84
CA LEU A 255 -14.62 -3.23 -7.33
C LEU A 255 -14.74 -4.67 -7.83
N TRP A 256 -14.33 -5.67 -7.05
CA TRP A 256 -14.53 -7.08 -7.46
C TRP A 256 -16.03 -7.39 -7.39
N ALA A 257 -16.79 -6.70 -6.54
CA ALA A 257 -18.25 -6.83 -6.47
C ALA A 257 -18.89 -6.15 -7.67
N ILE A 258 -18.49 -4.92 -7.98
CA ILE A 258 -19.02 -4.17 -9.14
C ILE A 258 -18.75 -4.99 -10.41
N MET A 259 -17.58 -5.61 -10.52
CA MET A 259 -17.13 -6.26 -11.78
C MET A 259 -17.70 -7.69 -11.91
N ALA A 260 -18.52 -8.18 -10.96
CA ALA A 260 -19.07 -9.55 -10.98
C ALA A 260 -17.92 -10.52 -11.28
N ALA A 261 -16.83 -10.31 -10.55
CA ALA A 261 -15.60 -11.12 -10.60
C ALA A 261 -15.81 -12.37 -9.78
N PRO A 262 -15.17 -13.47 -10.20
CA PRO A 262 -14.91 -14.57 -9.28
C PRO A 262 -14.15 -14.00 -8.08
N LEU A 263 -14.50 -14.46 -6.89
CA LEU A 263 -13.87 -14.12 -5.61
C LEU A 263 -13.07 -15.31 -5.11
N PHE A 264 -11.81 -15.37 -5.55
CA PHE A 264 -10.79 -16.37 -5.11
C PHE A 264 -9.77 -15.64 -4.22
N MET A 265 -9.97 -15.77 -2.91
CA MET A 265 -9.00 -15.35 -1.88
C MET A 265 -7.69 -16.11 -2.13
N SER A 266 -6.57 -15.41 -2.09
CA SER A 266 -5.22 -16.05 -2.00
C SER A 266 -4.53 -15.41 -0.81
N ASN A 267 -4.70 -16.01 0.35
CA ASN A 267 -4.24 -15.50 1.66
C ASN A 267 -3.97 -16.71 2.55
N ASP A 268 -3.59 -16.48 3.79
CA ASP A 268 -3.38 -17.52 4.83
C ASP A 268 -4.54 -17.45 5.81
N LEU A 269 -5.47 -18.40 5.72
CA LEU A 269 -6.67 -18.38 6.59
C LEU A 269 -6.27 -18.67 8.03
N ARG A 270 -5.04 -19.15 8.26
CA ARG A 270 -4.48 -19.45 9.61
C ARG A 270 -3.99 -18.15 10.25
N HIS A 271 -3.74 -17.09 9.47
CA HIS A 271 -3.17 -15.80 9.95
C HIS A 271 -3.79 -14.64 9.17
N ILE A 272 -4.97 -14.20 9.59
CA ILE A 272 -5.70 -13.10 8.91
C ILE A 272 -6.31 -12.21 9.99
N SER A 273 -6.09 -10.91 9.87
CA SER A 273 -6.60 -9.88 10.81
C SER A 273 -8.12 -9.96 10.86
N PRO A 274 -8.75 -9.66 12.02
CA PRO A 274 -10.21 -9.55 12.09
C PRO A 274 -10.82 -8.61 11.03
N GLN A 275 -10.14 -7.50 10.72
CA GLN A 275 -10.63 -6.47 9.76
C GLN A 275 -10.70 -7.08 8.35
N ALA A 276 -9.64 -7.78 7.93
CA ALA A 276 -9.57 -8.44 6.61
C ALA A 276 -10.67 -9.49 6.53
N LYS A 277 -10.89 -10.24 7.61
CA LYS A 277 -11.88 -11.32 7.65
C LYS A 277 -13.29 -10.72 7.49
N ALA A 278 -13.62 -9.68 8.26
CA ALA A 278 -14.96 -9.05 8.22
C ALA A 278 -15.21 -8.41 6.84
N LEU A 279 -14.19 -7.85 6.19
CA LEU A 279 -14.35 -7.28 4.82
C LEU A 279 -14.66 -8.38 3.80
N LEU A 280 -13.87 -9.45 3.80
CA LEU A 280 -14.04 -10.60 2.88
C LEU A 280 -15.36 -11.34 3.17
N GLN A 281 -15.83 -11.30 4.42
CA GLN A 281 -17.08 -12.00 4.82
C GLN A 281 -18.25 -11.02 4.80
N ASP A 282 -18.06 -9.83 4.26
CA ASP A 282 -19.11 -8.76 4.25
C ASP A 282 -20.33 -9.21 3.43
N LYS A 283 -21.41 -9.58 4.11
CA LYS A 283 -22.65 -10.18 3.54
C LYS A 283 -23.27 -9.28 2.45
N ASP A 284 -23.43 -7.99 2.72
CA ASP A 284 -24.03 -7.01 1.80
C ASP A 284 -23.17 -6.89 0.54
N VAL A 285 -21.85 -6.92 0.67
CA VAL A 285 -20.92 -6.72 -0.47
C VAL A 285 -20.87 -8.00 -1.28
N ILE A 286 -20.84 -9.16 -0.62
CA ILE A 286 -20.89 -10.48 -1.34
C ILE A 286 -22.23 -10.57 -2.08
N ALA A 287 -23.32 -10.08 -1.48
CA ALA A 287 -24.67 -10.12 -2.09
C ALA A 287 -24.65 -9.30 -3.39
N ILE A 288 -23.93 -8.18 -3.43
CA ILE A 288 -23.72 -7.43 -4.70
C ILE A 288 -22.95 -8.31 -5.68
N ASN A 289 -21.79 -8.84 -5.31
CA ASN A 289 -20.98 -9.69 -6.23
C ASN A 289 -21.87 -10.81 -6.76
N GLN A 290 -22.68 -11.41 -5.87
CA GLN A 290 -23.44 -12.66 -6.12
C GLN A 290 -24.85 -12.34 -6.66
N ASP A 291 -25.17 -11.10 -7.04
CA ASP A 291 -26.51 -10.74 -7.55
C ASP A 291 -26.93 -11.67 -8.69
N PRO A 292 -28.10 -12.36 -8.57
CA PRO A 292 -28.51 -13.39 -9.53
C PRO A 292 -28.72 -12.90 -10.97
N LEU A 293 -29.00 -11.62 -11.17
CA LEU A 293 -29.04 -11.01 -12.52
C LEU A 293 -27.70 -11.19 -13.24
N GLY A 294 -26.56 -11.08 -12.54
CA GLY A 294 -25.25 -11.35 -13.14
C GLY A 294 -24.89 -10.35 -14.24
N LYS A 295 -25.28 -9.09 -14.12
CA LYS A 295 -24.90 -8.03 -15.10
C LYS A 295 -23.64 -7.33 -14.58
N GLN A 296 -22.55 -7.40 -15.33
CA GLN A 296 -21.25 -6.83 -14.93
C GLN A 296 -21.41 -5.32 -14.86
N GLY A 297 -20.84 -4.69 -13.83
CA GLY A 297 -20.82 -3.22 -13.72
C GLY A 297 -19.74 -2.66 -14.63
N TYR A 298 -19.55 -1.36 -14.60
CA TYR A 298 -18.70 -0.66 -15.59
C TYR A 298 -18.27 0.67 -14.98
N GLN A 299 -17.28 1.32 -15.60
CA GLN A 299 -16.89 2.69 -15.20
C GLN A 299 -17.83 3.67 -15.88
N LEU A 300 -18.51 4.48 -15.10
CA LEU A 300 -19.42 5.51 -15.60
C LEU A 300 -18.61 6.76 -15.91
N ARG A 301 -17.66 7.11 -15.05
CA ARG A 301 -16.91 8.39 -15.12
C ARG A 301 -15.50 8.29 -14.53
N GLN A 302 -14.66 9.21 -14.97
CA GLN A 302 -13.24 9.33 -14.58
C GLN A 302 -12.86 10.79 -14.83
N GLY A 303 -12.36 11.46 -13.82
CA GLY A 303 -11.94 12.87 -13.87
C GLY A 303 -11.48 13.33 -12.50
N ASP A 304 -10.55 14.27 -12.47
CA ASP A 304 -10.11 14.91 -11.20
C ASP A 304 -9.65 13.79 -10.25
N ASN A 305 -9.01 12.75 -10.79
CA ASN A 305 -8.44 11.61 -10.04
C ASN A 305 -9.52 10.93 -9.22
N PHE A 306 -10.77 10.98 -9.70
CA PHE A 306 -11.90 10.16 -9.21
C PHE A 306 -12.36 9.22 -10.32
N GLU A 307 -12.88 8.07 -9.92
CA GLU A 307 -13.63 7.12 -10.76
C GLU A 307 -15.01 6.90 -10.15
N VAL A 308 -16.06 6.87 -10.98
CA VAL A 308 -17.39 6.32 -10.61
C VAL A 308 -17.66 5.08 -11.43
N TRP A 309 -17.92 3.96 -10.74
CA TRP A 309 -18.37 2.68 -11.33
C TRP A 309 -19.78 2.36 -10.82
N GLU A 310 -20.53 1.63 -11.63
CA GLU A 310 -21.89 1.23 -11.21
C GLU A 310 -22.21 -0.13 -11.82
N ARG A 311 -23.10 -0.83 -11.14
CA ARG A 311 -23.58 -2.18 -11.51
C ARG A 311 -25.10 -2.24 -11.29
N PRO A 312 -25.88 -2.63 -12.33
CA PRO A 312 -27.31 -2.83 -12.16
C PRO A 312 -27.54 -4.16 -11.41
N LEU A 313 -28.48 -4.15 -10.46
CA LEU A 313 -28.83 -5.32 -9.61
C LEU A 313 -30.29 -5.73 -9.87
N SER A 314 -30.64 -6.93 -9.40
CA SER A 314 -32.01 -7.45 -9.23
C SER A 314 -32.89 -6.38 -8.61
N GLY A 315 -34.16 -6.35 -8.98
CA GLY A 315 -35.19 -5.57 -8.28
C GLY A 315 -34.96 -4.07 -8.36
N LEU A 316 -34.42 -3.56 -9.46
CA LEU A 316 -34.26 -2.09 -9.69
C LEU A 316 -33.21 -1.46 -8.73
N ALA A 317 -32.40 -2.26 -8.05
CA ALA A 317 -31.27 -1.75 -7.24
C ALA A 317 -30.06 -1.51 -8.15
N TRP A 318 -29.18 -0.59 -7.71
CA TRP A 318 -27.83 -0.38 -8.27
C TRP A 318 -26.81 -0.36 -7.14
N ALA A 319 -25.62 -0.89 -7.42
CA ALA A 319 -24.37 -0.65 -6.68
C ALA A 319 -23.63 0.50 -7.38
N VAL A 320 -23.12 1.45 -6.59
CA VAL A 320 -22.26 2.56 -7.09
C VAL A 320 -20.98 2.62 -6.25
N ALA A 321 -19.82 2.64 -6.90
CA ALA A 321 -18.49 2.72 -6.28
C ALA A 321 -17.83 4.03 -6.72
N MET A 322 -17.22 4.75 -5.78
CA MET A 322 -16.48 6.00 -6.07
C MET A 322 -15.08 5.85 -5.46
N ILE A 323 -14.08 5.92 -6.35
CA ILE A 323 -12.66 5.67 -6.05
C ILE A 323 -11.94 7.01 -6.02
N ASN A 324 -11.11 7.23 -5.01
CA ASN A 324 -10.19 8.39 -4.97
C ASN A 324 -8.82 7.91 -5.44
N ARG A 325 -8.40 8.30 -6.64
CA ARG A 325 -7.09 7.83 -7.18
C ARG A 325 -6.01 8.85 -6.84
N GLN A 326 -6.31 9.91 -6.09
CA GLN A 326 -5.25 10.85 -5.65
C GLN A 326 -4.53 10.29 -4.43
N GLU A 327 -3.24 10.00 -4.53
CA GLU A 327 -2.45 9.33 -3.46
C GLU A 327 -1.67 10.38 -2.66
N ILE A 328 -2.32 11.45 -2.24
CA ILE A 328 -1.71 12.53 -1.41
C ILE A 328 -2.87 13.26 -0.74
N GLY A 329 -2.68 13.83 0.43
CA GLY A 329 -3.74 14.64 1.06
C GLY A 329 -4.68 13.78 1.87
N GLY A 330 -5.90 14.26 2.05
CA GLY A 330 -6.91 13.72 2.98
C GLY A 330 -8.15 13.30 2.21
N PRO A 331 -9.23 12.89 2.91
CA PRO A 331 -10.49 12.49 2.27
C PRO A 331 -10.94 13.61 1.32
N ARG A 332 -11.19 13.29 0.06
CA ARG A 332 -11.49 14.31 -0.96
C ARG A 332 -12.99 14.27 -1.27
N SER A 333 -13.61 15.44 -1.35
CA SER A 333 -15.05 15.60 -1.63
C SER A 333 -15.36 15.30 -3.09
N TYR A 334 -16.34 14.43 -3.31
CA TYR A 334 -16.92 14.18 -4.66
C TYR A 334 -18.45 14.24 -4.60
N THR A 335 -19.06 14.90 -5.57
CA THR A 335 -20.53 15.01 -5.68
C THR A 335 -20.95 14.65 -7.11
N ILE A 336 -22.06 13.95 -7.23
CA ILE A 336 -22.64 13.58 -8.54
C ILE A 336 -24.16 13.69 -8.38
N ALA A 337 -24.84 14.21 -9.41
CA ALA A 337 -26.33 14.20 -9.51
C ALA A 337 -26.79 12.73 -9.41
N VAL A 338 -27.74 12.40 -8.55
CA VAL A 338 -28.21 10.98 -8.53
C VAL A 338 -28.93 10.65 -9.85
N ALA A 339 -29.41 11.65 -10.60
CA ALA A 339 -30.05 11.41 -11.92
C ALA A 339 -29.02 10.88 -12.92
N SER A 340 -27.72 11.07 -12.67
CA SER A 340 -26.65 10.59 -13.57
C SER A 340 -26.36 9.12 -13.30
N LEU A 341 -26.91 8.56 -12.22
CA LEU A 341 -26.58 7.18 -11.75
C LEU A 341 -27.60 6.17 -12.28
N GLY A 342 -27.16 4.94 -12.54
CA GLY A 342 -28.02 3.85 -13.00
C GLY A 342 -28.89 4.29 -14.17
N LYS A 343 -28.29 4.97 -15.15
CA LYS A 343 -28.92 5.30 -16.45
C LYS A 343 -30.14 6.20 -16.28
N GLY A 344 -30.35 6.81 -15.12
CA GLY A 344 -31.44 7.78 -14.95
C GLY A 344 -32.62 7.17 -14.25
N VAL A 345 -32.61 5.85 -14.00
CA VAL A 345 -33.78 5.16 -13.40
C VAL A 345 -33.56 4.82 -11.92
N ALA A 346 -32.31 4.69 -11.44
CA ALA A 346 -32.04 4.29 -10.05
C ALA A 346 -32.83 5.18 -9.10
N CYS A 347 -32.81 6.50 -9.31
CA CYS A 347 -33.39 7.49 -8.36
C CYS A 347 -34.53 8.31 -8.97
N ASN A 348 -35.25 7.75 -9.95
CA ASN A 348 -36.49 8.35 -10.51
C ASN A 348 -37.68 7.53 -10.01
N PRO A 349 -38.59 8.09 -9.18
CA PRO A 349 -38.55 9.49 -8.74
C PRO A 349 -37.61 9.76 -7.54
N ALA A 350 -37.21 8.69 -6.86
CA ALA A 350 -36.30 8.74 -5.69
C ALA A 350 -35.72 7.35 -5.43
N CYS A 351 -34.72 7.31 -4.54
CA CYS A 351 -34.00 6.08 -4.13
C CYS A 351 -33.60 6.25 -2.68
N PHE A 352 -33.55 5.14 -1.97
CA PHE A 352 -32.90 5.06 -0.65
C PHE A 352 -31.47 4.62 -0.91
N ILE A 353 -30.51 5.35 -0.37
CA ILE A 353 -29.05 5.06 -0.51
C ILE A 353 -28.52 4.57 0.83
N THR A 354 -27.89 3.40 0.79
CA THR A 354 -27.08 2.83 1.90
C THR A 354 -25.62 2.80 1.44
N GLN A 355 -24.72 3.39 2.22
CA GLN A 355 -23.27 3.16 2.13
C GLN A 355 -22.98 1.79 2.71
N LEU A 356 -22.18 0.99 2.01
CA LEU A 356 -21.79 -0.37 2.47
C LEU A 356 -20.32 -0.36 2.89
N LEU A 357 -19.48 0.38 2.17
CA LEU A 357 -18.03 0.53 2.45
C LEU A 357 -17.66 2.00 2.37
N PRO A 358 -16.66 2.47 3.16
CA PRO A 358 -15.91 1.60 4.07
C PRO A 358 -16.66 1.14 5.33
N VAL A 359 -17.75 1.79 5.72
CA VAL A 359 -18.64 1.30 6.82
C VAL A 359 -20.07 1.35 6.33
N LYS A 360 -20.93 0.47 6.85
CA LYS A 360 -22.39 0.49 6.63
C LYS A 360 -23.03 1.71 7.30
N ARG A 361 -23.75 2.51 6.52
CA ARG A 361 -24.43 3.73 7.00
C ARG A 361 -25.62 4.03 6.07
N LYS A 362 -26.83 4.09 6.62
CA LYS A 362 -28.02 4.56 5.86
C LYS A 362 -27.80 6.04 5.60
N LEU A 363 -27.89 6.49 4.35
CA LEU A 363 -27.69 7.91 3.98
C LEU A 363 -29.06 8.60 3.83
N GLY A 364 -30.11 7.84 3.53
CA GLY A 364 -31.49 8.35 3.48
C GLY A 364 -32.07 8.34 2.08
N PHE A 365 -33.15 9.11 1.90
CA PHE A 365 -33.91 9.23 0.64
C PHE A 365 -33.30 10.33 -0.22
N TYR A 366 -33.06 10.02 -1.48
CA TYR A 366 -32.52 10.95 -2.50
C TYR A 366 -33.59 11.09 -3.59
N GLU A 367 -34.01 12.33 -3.85
CA GLU A 367 -34.99 12.67 -4.92
C GLU A 367 -34.23 12.64 -6.24
N TRP A 368 -34.95 12.50 -7.35
CA TRP A 368 -34.39 12.52 -8.72
C TRP A 368 -33.58 13.80 -8.94
N THR A 369 -33.89 14.87 -8.20
CA THR A 369 -33.21 16.19 -8.33
C THR A 369 -31.91 16.23 -7.52
N SER A 370 -31.65 15.23 -6.68
CA SER A 370 -30.62 15.30 -5.61
C SER A 370 -29.20 15.16 -6.17
N ARG A 371 -28.21 15.61 -5.38
CA ARG A 371 -26.77 15.36 -5.58
C ARG A 371 -26.31 14.51 -4.39
N LEU A 372 -25.59 13.43 -4.67
CA LEU A 372 -24.91 12.65 -3.63
C LEU A 372 -23.53 13.29 -3.41
N ARG A 373 -23.21 13.62 -2.17
CA ARG A 373 -21.90 14.21 -1.80
C ARG A 373 -21.19 13.22 -0.90
N SER A 374 -19.94 12.92 -1.20
CA SER A 374 -19.16 11.96 -0.39
C SER A 374 -17.70 12.41 -0.26
N HIS A 375 -17.06 12.11 0.88
CA HIS A 375 -15.60 12.21 1.09
C HIS A 375 -15.01 10.80 0.94
N ILE A 376 -14.02 10.67 0.06
CA ILE A 376 -13.40 9.37 -0.28
C ILE A 376 -11.91 9.44 0.07
N ASN A 377 -11.47 8.48 0.87
CA ASN A 377 -10.07 8.36 1.34
C ASN A 377 -9.17 8.14 0.11
N PRO A 378 -7.98 8.74 0.08
CA PRO A 378 -6.98 8.39 -0.95
C PRO A 378 -6.74 6.88 -1.08
N THR A 379 -6.88 6.37 -2.30
CA THR A 379 -6.76 4.93 -2.73
C THR A 379 -7.95 4.12 -2.17
N GLY A 380 -8.90 4.78 -1.49
CA GLY A 380 -10.13 4.17 -0.99
C GLY A 380 -11.28 4.26 -2.00
N THR A 381 -12.38 3.59 -1.66
CA THR A 381 -13.64 3.51 -2.41
C THR A 381 -14.79 3.66 -1.42
N VAL A 382 -15.82 4.41 -1.80
CA VAL A 382 -17.16 4.42 -1.14
C VAL A 382 -18.05 3.56 -2.01
N LEU A 383 -18.63 2.49 -1.43
CA LEU A 383 -19.57 1.59 -2.11
C LEU A 383 -20.95 1.89 -1.56
N LEU A 384 -21.90 2.16 -2.45
CA LEU A 384 -23.30 2.51 -2.10
C LEU A 384 -24.24 1.50 -2.74
N GLN A 385 -25.36 1.23 -2.09
CA GLN A 385 -26.51 0.53 -2.69
C GLN A 385 -27.68 1.50 -2.78
N LEU A 386 -28.26 1.58 -3.97
CA LEU A 386 -29.42 2.43 -4.29
C LEU A 386 -30.63 1.49 -4.44
N GLU A 387 -31.73 1.78 -3.74
CA GLU A 387 -33.03 1.06 -3.87
C GLU A 387 -34.05 2.09 -4.38
N ASN A 388 -34.61 1.85 -5.57
CA ASN A 388 -35.65 2.75 -6.13
C ASN A 388 -36.89 2.63 -5.22
N THR A 389 -37.58 3.72 -4.94
CA THR A 389 -38.83 3.73 -4.11
C THR A 389 -39.98 2.98 -4.80
N MET A 390 -40.15 3.11 -6.13
CA MET A 390 -41.18 2.38 -6.94
C MET A 390 -40.79 0.89 -7.02
N LEU B 1 24.80 23.16 10.69
CA LEU B 1 24.64 24.52 11.29
C LEU B 1 24.97 24.48 12.79
N ASP B 2 26.00 25.23 13.20
CA ASP B 2 26.47 25.32 14.62
C ASP B 2 25.66 26.41 15.34
N ASN B 3 24.36 26.21 15.52
CA ASN B 3 23.46 27.06 16.36
C ASN B 3 23.09 26.31 17.65
N GLY B 4 23.71 25.15 17.92
CA GLY B 4 23.41 24.34 19.12
C GLY B 4 22.04 23.68 19.05
N LEU B 5 21.37 23.72 17.89
CA LEU B 5 20.05 23.07 17.73
C LEU B 5 20.19 21.81 16.87
N ALA B 6 19.21 20.92 17.00
CA ALA B 6 19.12 19.71 16.16
C ALA B 6 20.38 18.86 16.38
N ARG B 7 20.72 18.64 17.64
CA ARG B 7 21.85 17.76 18.05
C ARG B 7 21.40 16.31 17.82
N THR B 8 20.09 16.07 17.93
CA THR B 8 19.39 14.87 17.39
C THR B 8 18.44 15.34 16.29
N PRO B 9 18.01 14.44 15.37
CA PRO B 9 17.07 14.81 14.32
C PRO B 9 15.78 15.40 14.93
N THR B 10 15.35 16.55 14.41
CA THR B 10 14.15 17.29 14.89
C THR B 10 12.92 16.38 14.74
N MET B 11 12.02 16.45 15.72
CA MET B 11 10.77 15.64 15.79
C MET B 11 9.60 16.60 15.95
N GLY B 12 8.53 16.35 15.19
CA GLY B 12 7.33 17.18 15.22
C GLY B 12 6.31 16.76 14.20
N TRP B 13 5.48 17.71 13.81
CA TRP B 13 4.31 17.52 12.93
C TRP B 13 4.31 18.68 11.95
N LEU B 14 4.08 18.36 10.68
CA LEU B 14 4.04 19.32 9.56
C LEU B 14 2.80 19.01 8.72
N HIS B 15 2.03 20.02 8.33
CA HIS B 15 0.67 19.82 7.76
C HIS B 15 0.73 19.37 6.30
N TRP B 16 1.87 19.52 5.62
CA TRP B 16 1.85 19.57 4.14
C TRP B 16 1.25 18.30 3.50
N GLU B 17 1.78 17.11 3.79
CA GLU B 17 1.37 15.93 3.00
C GLU B 17 -0.14 15.71 3.21
N ARG B 18 -0.63 15.88 4.43
CA ARG B 18 -2.05 15.53 4.76
C ARG B 18 -2.99 16.70 4.42
N PHE B 19 -2.60 17.96 4.65
CA PHE B 19 -3.56 19.10 4.47
C PHE B 19 -3.24 19.95 3.25
N MET B 20 -2.01 19.91 2.76
CA MET B 20 -1.58 20.56 1.49
C MET B 20 -1.96 22.05 1.54
N CYS B 21 -2.51 22.61 0.46
CA CYS B 21 -2.83 24.05 0.32
C CYS B 21 -4.34 24.22 0.27
N ASN B 22 -5.07 23.61 1.21
CA ASN B 22 -6.55 23.66 1.24
C ASN B 22 -6.97 25.01 1.81
N LEU B 23 -7.40 25.93 0.94
CA LEU B 23 -7.84 27.30 1.31
C LEU B 23 -9.37 27.35 1.50
N ASP B 24 -10.10 26.31 1.09
CA ASP B 24 -11.59 26.28 1.13
C ASP B 24 -12.10 25.97 2.55
N CYS B 25 -12.11 26.95 3.45
CA CYS B 25 -12.64 26.80 4.83
C CYS B 25 -14.17 26.76 4.83
N GLN B 26 -14.81 27.17 3.74
CA GLN B 26 -16.30 27.20 3.66
C GLN B 26 -16.79 25.77 3.46
N GLU B 27 -16.22 25.05 2.50
CA GLU B 27 -16.70 23.69 2.09
C GLU B 27 -15.84 22.57 2.70
N GLU B 28 -14.61 22.83 3.15
CA GLU B 28 -13.70 21.80 3.73
C GLU B 28 -13.11 22.34 5.02
N PRO B 29 -13.94 22.77 6.00
CA PRO B 29 -13.42 23.43 7.20
C PRO B 29 -12.44 22.56 8.02
N ASP B 30 -12.66 21.24 8.05
CA ASP B 30 -11.82 20.32 8.88
C ASP B 30 -10.43 20.10 8.26
N SER B 31 -10.28 20.39 6.96
CA SER B 31 -9.06 20.15 6.14
C SER B 31 -8.29 21.44 5.88
N CYS B 32 -8.91 22.61 6.08
CA CYS B 32 -8.35 23.88 5.54
C CYS B 32 -7.21 24.34 6.45
N ILE B 33 -6.24 25.04 5.89
CA ILE B 33 -5.08 25.57 6.67
C ILE B 33 -5.54 26.80 7.48
N SER B 34 -5.86 26.60 8.75
CA SER B 34 -6.44 27.61 9.68
C SER B 34 -5.71 27.55 11.02
N GLU B 35 -5.73 28.65 11.76
CA GLU B 35 -5.20 28.66 13.15
C GLU B 35 -5.87 27.54 13.95
N LYS B 36 -7.15 27.26 13.67
CA LYS B 36 -7.92 26.33 14.55
C LYS B 36 -7.40 24.91 14.34
N LEU B 37 -7.07 24.55 13.10
CA LEU B 37 -6.41 23.26 12.77
C LEU B 37 -5.17 23.12 13.64
N PHE B 38 -4.33 24.16 13.71
CA PHE B 38 -3.03 24.12 14.43
C PHE B 38 -3.26 24.08 15.93
N MET B 39 -4.16 24.95 16.42
CA MET B 39 -4.57 24.92 17.85
C MET B 39 -5.03 23.50 18.19
N GLU B 40 -5.92 22.90 17.41
CA GLU B 40 -6.50 21.59 17.79
C GLU B 40 -5.38 20.54 17.77
N MET B 41 -4.51 20.59 16.76
CA MET B 41 -3.36 19.68 16.60
C MET B 41 -2.43 19.83 17.81
N ALA B 42 -2.23 21.06 18.29
CA ALA B 42 -1.37 21.36 19.48
C ALA B 42 -1.96 20.65 20.70
N GLU B 43 -3.25 20.81 20.95
CA GLU B 43 -3.92 20.17 22.13
C GLU B 43 -3.67 18.65 22.04
N LEU B 44 -3.81 18.07 20.86
CA LEU B 44 -3.75 16.59 20.74
C LEU B 44 -2.30 16.13 20.90
N MET B 45 -1.32 16.94 20.45
CA MET B 45 0.12 16.59 20.63
C MET B 45 0.38 16.41 22.13
N VAL B 46 -0.14 17.31 22.96
CA VAL B 46 -0.04 17.16 24.44
C VAL B 46 -0.85 15.95 24.89
N SER B 47 -2.16 15.94 24.66
CA SER B 47 -3.10 15.04 25.38
C SER B 47 -2.93 13.59 24.92
N GLU B 48 -2.44 13.34 23.70
CA GLU B 48 -2.41 11.97 23.12
C GLU B 48 -0.97 11.41 23.12
N GLY B 49 -0.05 12.03 23.85
CA GLY B 49 1.26 11.43 24.20
C GLY B 49 2.36 11.76 23.19
N TRP B 50 2.08 12.63 22.22
CA TRP B 50 3.01 12.90 21.11
C TRP B 50 4.22 13.66 21.66
N LYS B 51 3.99 14.75 22.40
CA LYS B 51 5.08 15.54 23.03
C LYS B 51 5.95 14.63 23.91
N ASP B 52 5.33 13.84 24.78
CA ASP B 52 6.02 12.85 25.63
C ASP B 52 6.98 12.01 24.80
N ALA B 53 6.65 11.65 23.56
CA ALA B 53 7.43 10.70 22.73
C ALA B 53 8.60 11.42 22.04
N GLY B 54 8.54 12.76 21.98
CA GLY B 54 9.61 13.62 21.42
C GLY B 54 9.11 14.58 20.35
N TYR B 55 7.87 14.42 19.90
CA TYR B 55 7.32 15.26 18.81
C TYR B 55 6.99 16.61 19.42
N GLU B 56 7.80 17.62 19.12
CA GLU B 56 7.93 18.87 19.92
C GLU B 56 7.57 20.05 19.04
N TYR B 57 7.92 19.99 17.75
CA TYR B 57 7.73 21.08 16.77
C TYR B 57 6.40 20.92 16.00
N LEU B 58 5.46 21.85 16.21
CA LEU B 58 4.19 21.98 15.44
C LEU B 58 4.46 22.98 14.32
N CYS B 59 4.51 22.51 13.07
CA CYS B 59 5.04 23.28 11.92
C CYS B 59 3.95 23.59 10.90
N ILE B 60 3.88 24.85 10.52
CA ILE B 60 3.04 25.38 9.41
C ILE B 60 3.90 25.30 8.15
N ASP B 61 3.34 24.75 7.08
CA ASP B 61 3.94 24.69 5.73
C ASP B 61 3.34 25.82 4.91
N ASP B 62 3.39 25.72 3.59
CA ASP B 62 2.89 26.77 2.66
C ASP B 62 1.41 27.09 2.97
N CYS B 63 0.95 28.27 2.53
CA CYS B 63 -0.48 28.69 2.47
C CYS B 63 -0.99 29.17 3.83
N TRP B 64 -0.11 29.75 4.66
CA TRP B 64 -0.48 30.45 5.91
C TRP B 64 -0.62 31.97 5.66
N MET B 65 -0.03 32.48 4.57
CA MET B 65 0.22 33.92 4.30
C MET B 65 -1.00 34.60 3.66
N ALA B 66 -1.21 35.87 4.00
CA ALA B 66 -2.01 36.83 3.21
C ALA B 66 -1.43 36.93 1.80
N PRO B 67 -2.24 37.24 0.77
CA PRO B 67 -1.72 37.35 -0.60
C PRO B 67 -0.65 38.43 -0.81
N GLN B 68 -0.53 39.40 0.11
CA GLN B 68 0.37 40.57 -0.03
C GLN B 68 1.00 40.91 1.33
N ARG B 69 2.22 41.47 1.30
CA ARG B 69 2.87 42.09 2.49
C ARG B 69 2.08 43.33 2.92
N ASP B 70 2.13 43.69 4.21
CA ASP B 70 1.47 44.90 4.77
C ASP B 70 2.13 46.17 4.18
N SER B 71 1.66 47.36 4.59
CA SER B 71 2.20 48.69 4.17
C SER B 71 3.70 48.80 4.53
N GLU B 72 4.10 48.26 5.69
CA GLU B 72 5.49 48.26 6.20
C GLU B 72 6.31 47.10 5.59
N GLY B 73 5.82 46.44 4.52
CA GLY B 73 6.58 45.46 3.71
C GLY B 73 6.86 44.15 4.43
N ARG B 74 6.24 43.92 5.60
CA ARG B 74 6.30 42.65 6.38
C ARG B 74 5.26 41.65 5.86
N LEU B 75 5.49 40.35 6.09
CA LEU B 75 4.53 39.25 5.77
C LEU B 75 3.34 39.34 6.73
N GLN B 76 2.16 38.90 6.27
CA GLN B 76 0.93 38.90 7.11
C GLN B 76 0.37 37.47 7.16
N ALA B 77 -0.10 37.02 8.33
CA ALA B 77 -0.99 35.84 8.41
C ALA B 77 -2.21 36.14 7.56
N ASP B 78 -2.78 35.16 6.85
CA ASP B 78 -4.06 35.33 6.13
C ASP B 78 -5.11 35.82 7.13
N PRO B 79 -5.79 36.97 6.87
CA PRO B 79 -6.71 37.54 7.86
C PRO B 79 -7.94 36.65 8.14
N GLN B 80 -8.46 35.92 7.16
CA GLN B 80 -9.66 35.05 7.38
C GLN B 80 -9.26 33.76 8.12
N ARG B 81 -8.18 33.10 7.70
CA ARG B 81 -7.86 31.72 8.17
C ARG B 81 -7.01 31.80 9.44
N PHE B 82 -6.25 32.90 9.61
CA PHE B 82 -5.38 33.14 10.80
C PHE B 82 -5.70 34.49 11.46
N PRO B 83 -6.98 34.80 11.77
CA PRO B 83 -7.37 36.13 12.22
C PRO B 83 -6.62 36.63 13.47
N HIS B 84 -6.17 35.74 14.35
CA HIS B 84 -5.47 36.11 15.63
C HIS B 84 -3.95 36.22 15.44
N GLY B 85 -3.44 36.01 14.22
CA GLY B 85 -2.00 36.21 13.89
C GLY B 85 -1.10 35.10 14.40
N ILE B 86 0.16 35.11 13.97
CA ILE B 86 1.20 34.10 14.31
C ILE B 86 1.60 34.27 15.78
N ARG B 87 1.78 35.52 16.23
CA ARG B 87 2.23 35.86 17.60
C ARG B 87 1.36 35.08 18.60
N GLN B 88 0.04 35.23 18.49
CA GLN B 88 -0.92 34.59 19.43
C GLN B 88 -0.90 33.07 19.26
N LEU B 89 -0.73 32.56 18.03
CA LEU B 89 -0.65 31.08 17.81
C LEU B 89 0.63 30.56 18.47
N ALA B 90 1.74 31.29 18.31
CA ALA B 90 3.05 31.00 18.96
C ALA B 90 2.87 30.95 20.47
N ASN B 91 2.12 31.89 21.06
CA ASN B 91 1.81 31.92 22.53
C ASN B 91 1.06 30.65 22.93
N TYR B 92 0.02 30.30 22.19
CA TYR B 92 -0.83 29.12 22.47
C TYR B 92 0.07 27.88 22.47
N VAL B 93 0.87 27.77 21.40
CA VAL B 93 1.77 26.61 21.15
C VAL B 93 2.79 26.51 22.28
N HIS B 94 3.48 27.60 22.59
CA HIS B 94 4.47 27.70 23.71
C HIS B 94 3.79 27.33 25.05
N SER B 95 2.54 27.76 25.26
CA SER B 95 1.80 27.54 26.54
C SER B 95 1.61 26.05 26.79
N LYS B 96 1.58 25.23 25.72
CA LYS B 96 1.34 23.76 25.82
C LYS B 96 2.69 23.03 25.93
N GLY B 97 3.81 23.75 25.86
CA GLY B 97 5.16 23.17 25.98
C GLY B 97 5.75 22.78 24.63
N LEU B 98 5.23 23.32 23.52
CA LEU B 98 5.64 22.91 22.16
C LEU B 98 6.31 24.11 21.50
N LYS B 99 6.86 23.89 20.32
CA LYS B 99 7.58 24.94 19.55
C LYS B 99 6.87 25.06 18.21
N LEU B 100 6.87 26.26 17.64
CA LEU B 100 6.12 26.55 16.41
C LEU B 100 7.11 26.64 15.26
N GLY B 101 6.79 25.93 14.16
CA GLY B 101 7.46 26.03 12.87
C GLY B 101 6.61 26.83 11.90
N ILE B 102 7.26 27.51 10.98
CA ILE B 102 6.58 28.26 9.90
C ILE B 102 7.41 28.02 8.65
N TYR B 103 6.92 28.48 7.52
CA TYR B 103 7.42 28.18 6.16
C TYR B 103 7.62 29.51 5.44
N ALA B 104 8.54 29.55 4.48
CA ALA B 104 8.72 30.67 3.54
C ALA B 104 9.59 30.16 2.39
N ASP B 105 9.91 31.01 1.43
CA ASP B 105 10.55 30.56 0.16
C ASP B 105 11.65 31.55 -0.21
N VAL B 106 12.80 31.00 -0.61
CA VAL B 106 14.07 31.74 -0.91
C VAL B 106 13.81 32.71 -2.06
N GLY B 107 12.82 32.41 -2.91
CA GLY B 107 12.56 33.11 -4.17
C GLY B 107 11.54 34.24 -4.03
N ASN B 108 10.82 34.49 -5.11
CA ASN B 108 9.92 35.66 -5.28
C ASN B 108 8.51 35.33 -4.81
N LYS B 109 8.07 34.09 -5.00
CA LYS B 109 6.80 33.54 -4.49
C LYS B 109 7.06 32.20 -3.79
N THR B 110 6.27 31.86 -2.77
CA THR B 110 6.18 30.48 -2.23
C THR B 110 5.78 29.56 -3.37
N CYS B 111 6.07 28.27 -3.28
CA CYS B 111 5.71 27.27 -4.33
C CYS B 111 4.22 27.37 -4.64
N ALA B 112 3.38 27.68 -3.63
CA ALA B 112 1.91 27.83 -3.77
C ALA B 112 1.54 29.23 -4.29
N GLY B 113 2.47 30.18 -4.33
CA GLY B 113 2.28 31.45 -5.06
C GLY B 113 2.06 32.64 -4.14
N PHE B 114 2.33 32.49 -2.84
CA PHE B 114 2.24 33.55 -1.81
C PHE B 114 3.58 34.31 -1.75
N PRO B 115 3.65 35.49 -1.08
CA PRO B 115 4.86 36.32 -1.08
C PRO B 115 6.17 35.60 -0.77
N GLY B 116 7.09 35.55 -1.75
CA GLY B 116 8.50 35.10 -1.61
C GLY B 116 9.27 36.00 -0.67
N SER B 117 10.44 35.54 -0.23
CA SER B 117 11.27 36.18 0.84
C SER B 117 12.44 36.97 0.24
N PHE B 118 12.76 36.80 -1.04
CA PHE B 118 13.83 37.56 -1.74
C PHE B 118 13.55 39.08 -1.60
N GLY B 119 14.62 39.84 -1.33
CA GLY B 119 14.57 41.28 -1.08
C GLY B 119 14.21 41.60 0.37
N TYR B 120 13.85 40.59 1.18
CA TYR B 120 13.28 40.79 2.55
C TYR B 120 13.83 39.80 3.58
N TYR B 121 14.92 39.08 3.28
CA TYR B 121 15.41 37.99 4.15
C TYR B 121 15.49 38.50 5.59
N ASP B 122 16.02 39.72 5.77
CA ASP B 122 16.35 40.26 7.12
C ASP B 122 15.05 40.60 7.85
N ILE B 123 14.14 41.31 7.19
CA ILE B 123 12.83 41.73 7.80
C ILE B 123 11.98 40.47 8.09
N ASP B 124 11.87 39.53 7.15
CA ASP B 124 11.13 38.25 7.35
C ASP B 124 11.73 37.49 8.54
N ALA B 125 13.05 37.36 8.60
CA ALA B 125 13.74 36.66 9.70
C ALA B 125 13.39 37.32 11.03
N GLN B 126 13.41 38.67 11.04
CA GLN B 126 13.08 39.45 12.26
C GLN B 126 11.58 39.30 12.57
N THR B 127 10.73 39.31 11.53
CA THR B 127 9.28 39.05 11.65
C THR B 127 9.09 37.74 12.44
N PHE B 128 9.69 36.65 11.96
CA PHE B 128 9.48 35.29 12.54
C PHE B 128 9.92 35.35 14.01
N ALA B 129 11.07 36.00 14.25
CA ALA B 129 11.68 36.10 15.60
C ALA B 129 10.73 36.87 16.54
N ASP B 130 10.25 38.04 16.12
CA ASP B 130 9.25 38.83 16.89
C ASP B 130 8.01 37.95 17.15
N TRP B 131 7.60 37.15 16.16
CA TRP B 131 6.41 36.27 16.22
C TRP B 131 6.59 35.15 17.25
N GLY B 132 7.82 34.73 17.54
CA GLY B 132 8.08 33.62 18.48
C GLY B 132 8.25 32.29 17.77
N VAL B 133 8.54 32.34 16.47
CA VAL B 133 8.81 31.17 15.59
C VAL B 133 10.08 30.47 16.09
N ASP B 134 10.05 29.14 16.22
CA ASP B 134 11.16 28.31 16.76
C ASP B 134 11.80 27.46 15.65
N LEU B 135 11.24 27.48 14.44
CA LEU B 135 11.73 26.68 13.29
C LEU B 135 11.28 27.36 12.00
N LEU B 136 12.15 27.37 10.98
CA LEU B 136 11.76 27.81 9.62
C LEU B 136 12.09 26.71 8.61
N LYS B 137 11.11 26.38 7.78
CA LYS B 137 11.22 25.53 6.58
C LYS B 137 11.22 26.48 5.38
N PHE B 138 12.20 26.36 4.50
CA PHE B 138 12.52 27.39 3.48
C PHE B 138 12.58 26.70 2.11
N ASP B 139 11.49 26.77 1.35
CA ASP B 139 11.37 26.04 0.07
C ASP B 139 12.17 26.82 -0.99
N GLY B 140 12.29 26.28 -2.20
CA GLY B 140 13.25 26.77 -3.22
C GLY B 140 12.58 27.23 -4.51
N CYS B 141 11.24 27.35 -4.53
CA CYS B 141 10.54 27.68 -5.80
C CYS B 141 10.84 29.13 -6.17
N TYR B 142 10.73 29.45 -7.44
CA TYR B 142 10.75 30.84 -7.95
C TYR B 142 12.12 31.50 -7.63
N CYS B 143 13.21 30.74 -7.85
CA CYS B 143 14.61 31.22 -7.74
C CYS B 143 15.26 31.26 -9.13
N ASP B 144 15.79 32.44 -9.49
CA ASP B 144 16.36 32.80 -10.82
C ASP B 144 17.50 31.86 -11.20
N SER B 145 18.43 31.63 -10.27
CA SER B 145 19.79 31.08 -10.54
C SER B 145 20.38 30.46 -9.27
N LEU B 146 21.34 29.56 -9.47
CA LEU B 146 22.10 28.87 -8.39
C LEU B 146 22.66 29.93 -7.43
N GLU B 147 23.13 31.05 -7.97
CA GLU B 147 23.79 32.12 -7.16
C GLU B 147 22.74 32.66 -6.20
N ASN B 148 21.54 32.98 -6.71
CA ASN B 148 20.40 33.47 -5.89
C ASN B 148 20.03 32.40 -4.86
N LEU B 149 19.84 31.16 -5.31
CA LEU B 149 19.44 30.02 -4.44
C LEU B 149 20.39 29.96 -3.25
N ALA B 150 21.68 29.76 -3.55
CA ALA B 150 22.78 29.65 -2.57
C ALA B 150 22.86 30.95 -1.76
N ASP B 151 22.77 32.10 -2.42
CA ASP B 151 22.84 33.44 -1.77
C ASP B 151 21.69 33.57 -0.77
N GLY B 152 20.46 33.30 -1.21
CA GLY B 152 19.26 33.30 -0.34
C GLY B 152 19.43 32.41 0.90
N TYR B 153 19.77 31.13 0.72
CA TYR B 153 19.83 30.15 1.83
C TYR B 153 20.88 30.63 2.84
N LYS B 154 22.05 31.04 2.31
CA LYS B 154 23.17 31.56 3.15
C LYS B 154 22.69 32.84 3.87
N HIS B 155 21.96 33.69 3.15
CA HIS B 155 21.50 35.01 3.65
C HIS B 155 20.51 34.78 4.81
N MET B 156 19.44 34.01 4.56
CA MET B 156 18.36 33.77 5.55
C MET B 156 18.98 33.13 6.80
N SER B 157 19.98 32.25 6.64
CA SER B 157 20.69 31.60 7.76
C SER B 157 21.29 32.68 8.68
N LEU B 158 22.11 33.56 8.12
CA LEU B 158 22.79 34.62 8.91
C LEU B 158 21.72 35.60 9.42
N ALA B 159 20.73 35.93 8.59
CA ALA B 159 19.59 36.80 8.98
C ALA B 159 18.91 36.23 10.22
N LEU B 160 18.60 34.93 10.24
CA LEU B 160 17.93 34.29 11.41
C LEU B 160 18.87 34.40 12.61
N ASN B 161 20.15 34.07 12.40
CA ASN B 161 21.22 34.20 13.43
C ASN B 161 21.21 35.61 14.02
N ARG B 162 21.25 36.64 13.16
CA ARG B 162 21.36 38.08 13.56
C ARG B 162 20.19 38.47 14.48
N THR B 163 19.17 37.62 14.64
CA THR B 163 17.98 37.90 15.51
C THR B 163 18.28 37.43 16.93
N GLY B 164 19.31 36.60 17.10
CA GLY B 164 19.63 36.00 18.43
C GLY B 164 18.47 35.18 18.98
N ARG B 165 17.51 34.75 18.16
CA ARG B 165 16.51 33.72 18.55
C ARG B 165 16.98 32.35 17.99
N SER B 166 16.90 31.33 18.82
CA SER B 166 17.03 29.90 18.40
C SER B 166 15.90 29.56 17.42
N ILE B 167 16.28 29.30 16.17
CA ILE B 167 15.32 28.93 15.09
C ILE B 167 15.93 27.78 14.29
N VAL B 168 15.39 26.58 14.44
CA VAL B 168 15.81 25.44 13.58
C VAL B 168 15.64 25.91 12.14
N TYR B 169 16.66 25.74 11.31
CA TYR B 169 16.64 26.23 9.91
C TYR B 169 16.60 24.99 9.02
N SER B 170 15.48 24.82 8.29
CA SER B 170 15.20 23.65 7.42
C SER B 170 15.16 24.11 5.96
N CYS B 171 16.13 23.64 5.17
CA CYS B 171 16.51 24.15 3.81
C CYS B 171 16.14 23.10 2.77
N GLU B 172 15.84 23.54 1.55
CA GLU B 172 15.62 22.63 0.41
C GLU B 172 16.67 22.92 -0.67
N TRP B 173 17.81 23.48 -0.25
CA TRP B 173 18.91 23.95 -1.12
C TRP B 173 19.37 22.81 -2.02
N PRO B 174 19.78 21.64 -1.50
CA PRO B 174 20.21 20.55 -2.37
C PRO B 174 19.17 20.20 -3.42
N LEU B 175 17.90 20.08 -3.00
CA LEU B 175 16.79 19.55 -3.83
C LEU B 175 16.60 20.48 -5.03
N TYR B 176 16.68 21.79 -4.82
CA TYR B 176 16.45 22.81 -5.87
C TYR B 176 17.72 23.10 -6.69
N MET B 177 18.83 22.39 -6.43
CA MET B 177 20.13 22.46 -7.16
C MET B 177 20.23 21.34 -8.20
N TRP B 178 19.78 20.13 -7.86
CA TRP B 178 19.94 18.87 -8.65
C TRP B 178 19.65 19.08 -10.13
N PRO B 179 18.64 19.88 -10.52
CA PRO B 179 18.39 20.16 -11.94
C PRO B 179 19.47 20.99 -12.68
N PHE B 180 20.46 21.52 -11.96
CA PHE B 180 21.53 22.41 -12.50
C PHE B 180 22.90 21.77 -12.25
N GLN B 181 23.31 21.62 -10.98
CA GLN B 181 24.60 20.98 -10.61
C GLN B 181 24.48 20.21 -9.29
N LYS B 182 25.41 19.29 -9.06
CA LYS B 182 25.53 18.44 -7.83
C LYS B 182 25.77 19.36 -6.63
N PRO B 183 25.11 19.13 -5.47
CA PRO B 183 25.31 19.97 -4.29
C PRO B 183 26.66 19.72 -3.60
N ASN B 184 27.16 20.73 -2.90
CA ASN B 184 28.31 20.65 -1.97
C ASN B 184 27.71 20.62 -0.56
N TYR B 185 27.78 19.47 0.10
CA TYR B 185 27.03 19.20 1.36
C TYR B 185 27.75 19.85 2.55
N THR B 186 29.07 20.08 2.48
CA THR B 186 29.84 20.76 3.56
C THR B 186 29.41 22.23 3.63
N GLU B 187 29.22 22.89 2.49
CA GLU B 187 28.67 24.26 2.43
C GLU B 187 27.27 24.25 3.05
N ILE B 188 26.38 23.40 2.53
CA ILE B 188 24.93 23.33 2.92
C ILE B 188 24.86 23.11 4.42
N ARG B 189 25.66 22.16 4.92
CA ARG B 189 25.70 21.76 6.35
C ARG B 189 26.09 22.94 7.26
N GLN B 190 26.88 23.88 6.74
CA GLN B 190 27.44 25.02 7.50
C GLN B 190 26.29 25.96 7.88
N TYR B 191 25.29 26.06 6.99
CA TYR B 191 24.19 27.06 7.03
C TYR B 191 22.89 26.44 7.57
N CYS B 192 22.67 25.12 7.40
CA CYS B 192 21.35 24.45 7.60
C CYS B 192 21.40 23.35 8.68
N ASN B 193 20.38 23.30 9.54
CA ASN B 193 20.19 22.20 10.53
C ASN B 193 19.66 20.93 9.85
N HIS B 194 18.96 21.04 8.73
CA HIS B 194 18.64 19.85 7.90
C HIS B 194 18.24 20.30 6.51
N TRP B 195 18.31 19.37 5.57
CA TRP B 195 18.17 19.71 4.13
C TRP B 195 17.42 18.60 3.40
N ARG B 196 16.41 19.01 2.63
CA ARG B 196 15.67 18.10 1.72
C ARG B 196 16.58 17.81 0.52
N ASN B 197 16.73 16.52 0.19
CA ASN B 197 17.61 16.01 -0.90
C ASN B 197 16.77 15.62 -2.11
N PHE B 198 15.54 15.14 -1.88
CA PHE B 198 14.77 14.40 -2.90
C PHE B 198 13.33 14.93 -2.97
N ALA B 199 12.60 14.53 -4.02
CA ALA B 199 11.21 14.93 -4.33
C ALA B 199 10.27 14.62 -3.14
N ASP B 200 9.23 15.44 -3.00
CA ASP B 200 8.20 15.35 -1.94
C ASP B 200 7.66 13.93 -1.81
N ILE B 201 7.56 13.43 -0.59
CA ILE B 201 6.86 12.15 -0.32
C ILE B 201 5.38 12.32 -0.65
N ASP B 202 4.72 11.23 -0.96
CA ASP B 202 3.23 11.21 -0.91
C ASP B 202 2.79 9.92 -0.20
N ASP B 203 1.48 9.71 -0.13
CA ASP B 203 0.88 8.62 0.68
C ASP B 203 0.89 7.37 -0.18
N SER B 204 2.06 6.78 -0.40
CA SER B 204 2.23 5.60 -1.29
C SER B 204 3.53 4.86 -1.00
N TRP B 205 3.43 3.55 -1.08
CA TRP B 205 4.58 2.63 -1.05
C TRP B 205 5.56 3.00 -2.18
N LYS B 206 5.04 3.34 -3.36
CA LYS B 206 5.90 3.75 -4.51
C LYS B 206 6.81 4.90 -4.06
N SER B 207 6.28 5.87 -3.33
CA SER B 207 7.00 7.08 -2.88
C SER B 207 8.11 6.69 -1.90
N ILE B 208 7.80 5.80 -0.98
CA ILE B 208 8.75 5.29 0.03
C ILE B 208 9.89 4.58 -0.70
N LYS B 209 9.56 3.68 -1.60
CA LYS B 209 10.56 2.86 -2.34
C LYS B 209 11.48 3.84 -3.07
N SER B 210 10.88 4.85 -3.66
CA SER B 210 11.60 5.82 -4.50
C SER B 210 12.57 6.61 -3.60
N ILE B 211 12.16 7.01 -2.39
CA ILE B 211 13.04 7.77 -1.45
C ILE B 211 14.20 6.87 -0.99
N LEU B 212 13.94 5.57 -0.72
CA LEU B 212 14.96 4.64 -0.18
C LEU B 212 15.96 4.31 -1.30
N ASP B 213 15.48 4.08 -2.51
CA ASP B 213 16.31 3.74 -3.69
C ASP B 213 17.20 4.92 -4.05
N TRP B 214 16.67 6.14 -3.99
CA TRP B 214 17.51 7.35 -4.24
C TRP B 214 18.58 7.42 -3.15
N THR B 215 18.20 7.16 -1.90
CA THR B 215 19.11 7.28 -0.73
C THR B 215 20.26 6.28 -0.88
N SER B 216 19.96 5.00 -1.06
CA SER B 216 20.97 3.92 -1.13
C SER B 216 21.87 4.15 -2.34
N PHE B 217 21.31 4.47 -3.50
CA PHE B 217 22.07 4.80 -4.75
C PHE B 217 23.05 5.96 -4.47
N ASN B 218 22.66 6.93 -3.66
CA ASN B 218 23.41 8.18 -3.45
C ASN B 218 24.17 8.17 -2.13
N GLN B 219 24.27 7.03 -1.43
CA GLN B 219 24.66 7.07 0.02
C GLN B 219 26.11 7.57 0.23
N GLU B 220 27.05 7.25 -0.65
CA GLU B 220 28.47 7.69 -0.52
C GLU B 220 28.55 9.22 -0.54
N ARG B 221 27.66 9.87 -1.25
CA ARG B 221 27.65 11.36 -1.35
C ARG B 221 27.08 12.00 -0.08
N ILE B 222 26.17 11.35 0.65
CA ILE B 222 25.31 12.08 1.65
C ILE B 222 25.48 11.53 3.07
N VAL B 223 25.80 10.26 3.26
CA VAL B 223 25.74 9.64 4.64
C VAL B 223 26.70 10.38 5.60
N ASP B 224 27.97 10.57 5.21
CA ASP B 224 29.04 11.07 6.13
C ASP B 224 28.82 12.54 6.49
N VAL B 225 28.13 13.34 5.67
CA VAL B 225 27.96 14.79 5.99
C VAL B 225 26.94 14.95 7.13
N ALA B 226 26.14 13.93 7.42
CA ALA B 226 25.07 14.00 8.44
C ALA B 226 25.68 13.81 9.83
N GLY B 227 25.10 14.43 10.86
CA GLY B 227 25.63 14.40 12.24
C GLY B 227 24.99 15.52 13.07
N PRO B 228 25.24 15.56 14.40
CA PRO B 228 24.55 16.52 15.26
C PRO B 228 24.61 17.92 14.63
N GLY B 229 23.46 18.57 14.50
CA GLY B 229 23.32 19.96 14.01
C GLY B 229 23.08 20.03 12.51
N GLY B 230 23.16 18.90 11.81
CA GLY B 230 22.99 18.84 10.34
C GLY B 230 22.59 17.46 9.87
N TRP B 231 21.39 17.34 9.30
CA TRP B 231 20.78 16.04 8.94
C TRP B 231 20.30 16.05 7.49
N ASN B 232 20.35 14.89 6.87
CA ASN B 232 19.65 14.61 5.60
C ASN B 232 18.15 14.48 5.92
N ASP B 233 17.29 15.17 5.15
CA ASP B 233 15.82 15.15 5.30
C ASP B 233 15.19 14.37 4.16
N PRO B 234 14.72 13.12 4.40
CA PRO B 234 14.02 12.33 3.39
C PRO B 234 12.51 12.59 3.27
N ASP B 235 12.02 13.64 3.91
CA ASP B 235 10.62 14.15 3.89
C ASP B 235 9.78 13.46 4.99
N MET B 236 8.50 13.81 5.07
CA MET B 236 7.65 13.58 6.28
C MET B 236 7.32 12.09 6.46
N LEU B 237 7.13 11.68 7.70
CA LEU B 237 6.43 10.41 8.02
C LEU B 237 4.98 10.57 7.59
N VAL B 238 4.45 9.55 6.95
CA VAL B 238 3.06 9.58 6.42
C VAL B 238 2.30 8.40 7.04
N ILE B 239 2.86 7.79 8.07
CA ILE B 239 2.17 6.75 8.88
C ILE B 239 0.91 7.38 9.51
N GLY B 240 -0.20 6.68 9.46
CA GLY B 240 -1.47 7.12 10.07
C GLY B 240 -2.44 7.61 9.01
N ASN B 241 -1.99 7.71 7.74
CA ASN B 241 -2.82 8.16 6.59
C ASN B 241 -3.45 6.92 5.92
N PHE B 242 -3.43 6.82 4.59
CA PHE B 242 -4.33 5.93 3.83
C PHE B 242 -3.63 4.94 2.88
N GLY B 243 -2.40 5.24 2.45
CA GLY B 243 -1.78 4.61 1.26
C GLY B 243 -0.84 3.46 1.57
N LEU B 244 -0.44 3.33 2.83
CA LEU B 244 0.57 2.37 3.31
C LEU B 244 -0.12 1.25 4.07
N SER B 245 0.26 0.02 3.76
CA SER B 245 -0.06 -1.19 4.55
C SER B 245 0.69 -1.10 5.86
N TRP B 246 0.27 -1.89 6.85
CA TRP B 246 0.96 -1.99 8.16
C TRP B 246 2.47 -2.24 7.90
N ASN B 247 2.79 -3.16 7.01
CA ASN B 247 4.18 -3.56 6.71
C ASN B 247 4.92 -2.37 6.09
N GLN B 248 4.30 -1.67 5.17
CA GLN B 248 4.93 -0.48 4.54
C GLN B 248 5.11 0.63 5.58
N GLN B 249 4.22 0.73 6.58
CA GLN B 249 4.35 1.75 7.65
C GLN B 249 5.57 1.42 8.53
N VAL B 250 5.68 0.17 8.98
CA VAL B 250 6.86 -0.38 9.71
C VAL B 250 8.14 -0.09 8.90
N THR B 251 8.15 -0.31 7.60
CA THR B 251 9.30 0.00 6.74
C THR B 251 9.63 1.50 6.86
N GLN B 252 8.65 2.40 6.79
CA GLN B 252 9.01 3.84 6.87
C GLN B 252 9.66 4.15 8.22
N MET B 253 9.02 3.74 9.33
CA MET B 253 9.50 4.06 10.70
C MET B 253 10.87 3.43 10.91
N ALA B 254 11.06 2.14 10.62
CA ALA B 254 12.36 1.45 10.72
C ALA B 254 13.42 2.26 9.97
N LEU B 255 13.16 2.64 8.72
CA LEU B 255 14.24 3.15 7.82
C LEU B 255 14.49 4.64 8.10
N TRP B 256 13.48 5.38 8.57
CA TRP B 256 13.67 6.80 8.97
C TRP B 256 14.57 6.83 10.22
N ALA B 257 14.50 5.79 11.08
CA ALA B 257 15.39 5.63 12.25
C ALA B 257 16.81 5.30 11.75
N ILE B 258 16.94 4.36 10.83
CA ILE B 258 18.24 3.96 10.22
C ILE B 258 18.91 5.19 9.61
N MET B 259 18.14 6.08 8.97
CA MET B 259 18.69 7.20 8.15
C MET B 259 18.94 8.46 8.99
N ALA B 260 18.73 8.40 10.30
CA ALA B 260 18.83 9.60 11.18
C ALA B 260 18.04 10.75 10.57
N ALA B 261 16.81 10.45 10.11
CA ALA B 261 15.91 11.43 9.49
C ALA B 261 15.29 12.30 10.58
N PRO B 262 15.08 13.60 10.33
CA PRO B 262 14.08 14.32 11.10
C PRO B 262 12.78 13.50 10.96
N LEU B 263 11.98 13.48 12.03
CA LEU B 263 10.68 12.78 12.11
C LEU B 263 9.60 13.85 12.18
N PHE B 264 9.10 14.27 11.04
CA PHE B 264 7.92 15.17 10.96
C PHE B 264 6.72 14.35 10.45
N MET B 265 5.84 13.95 11.37
CA MET B 265 4.54 13.36 11.02
C MET B 265 3.76 14.38 10.19
N SER B 266 3.14 13.93 9.11
CA SER B 266 2.11 14.70 8.39
C SER B 266 0.91 13.79 8.30
N ASN B 267 -0.01 13.95 9.23
CA ASN B 267 -1.19 13.08 9.39
C ASN B 267 -2.25 13.90 10.11
N ASP B 268 -3.39 13.29 10.44
CA ASP B 268 -4.43 13.96 11.27
C ASP B 268 -4.47 13.27 12.64
N LEU B 269 -3.91 13.91 13.66
CA LEU B 269 -3.82 13.33 15.02
C LEU B 269 -5.22 13.15 15.62
N ARG B 270 -6.26 13.72 15.01
CA ARG B 270 -7.69 13.61 15.45
C ARG B 270 -8.30 12.28 15.03
N HIS B 271 -7.70 11.60 14.04
CA HIS B 271 -8.24 10.40 13.33
C HIS B 271 -7.06 9.51 12.97
N ILE B 272 -6.53 8.76 13.93
CA ILE B 272 -5.34 7.91 13.72
C ILE B 272 -5.56 6.61 14.50
N SER B 273 -5.33 5.47 13.87
CA SER B 273 -5.55 4.14 14.46
C SER B 273 -4.59 3.98 15.63
N PRO B 274 -5.00 3.22 16.68
CA PRO B 274 -4.11 2.90 17.80
C PRO B 274 -2.79 2.27 17.33
N GLN B 275 -2.87 1.42 16.31
CA GLN B 275 -1.73 0.70 15.69
C GLN B 275 -0.74 1.70 15.10
N ALA B 276 -1.17 2.70 14.32
CA ALA B 276 -0.29 3.74 13.73
C ALA B 276 0.28 4.60 14.85
N LYS B 277 -0.52 4.86 15.88
CA LYS B 277 -0.09 5.69 17.02
C LYS B 277 1.04 4.95 17.75
N ALA B 278 0.84 3.68 18.08
CA ALA B 278 1.84 2.90 18.85
C ALA B 278 3.15 2.85 18.03
N LEU B 279 3.07 2.70 16.70
CA LEU B 279 4.30 2.62 15.85
C LEU B 279 5.03 3.96 15.91
N LEU B 280 4.33 5.07 15.73
CA LEU B 280 4.96 6.41 15.70
C LEU B 280 5.50 6.81 17.08
N GLN B 281 4.93 6.27 18.16
CA GLN B 281 5.31 6.58 19.58
C GLN B 281 6.19 5.46 20.16
N ASP B 282 6.64 4.50 19.32
CA ASP B 282 7.51 3.38 19.76
C ASP B 282 8.83 3.92 20.32
N LYS B 283 8.98 3.86 21.66
CA LYS B 283 10.12 4.44 22.45
C LYS B 283 11.47 3.93 21.94
N ASP B 284 11.57 2.62 21.66
CA ASP B 284 12.82 1.93 21.25
C ASP B 284 13.26 2.35 19.84
N VAL B 285 12.31 2.52 18.91
CA VAL B 285 12.65 2.94 17.51
C VAL B 285 12.96 4.44 17.52
N ILE B 286 12.23 5.26 18.29
CA ILE B 286 12.54 6.71 18.40
C ILE B 286 13.96 6.84 18.98
N ALA B 287 14.31 6.00 19.95
CA ALA B 287 15.63 6.01 20.62
C ALA B 287 16.74 5.69 19.60
N ILE B 288 16.51 4.78 18.64
CA ILE B 288 17.47 4.61 17.51
C ILE B 288 17.55 5.92 16.72
N ASN B 289 16.42 6.46 16.25
CA ASN B 289 16.46 7.70 15.46
C ASN B 289 17.25 8.78 16.22
N GLN B 290 17.11 8.85 17.54
CA GLN B 290 17.59 9.98 18.37
C GLN B 290 18.94 9.65 19.03
N ASP B 291 19.60 8.58 18.59
CA ASP B 291 20.88 8.13 19.17
C ASP B 291 21.89 9.29 19.20
N PRO B 292 22.45 9.62 20.39
CA PRO B 292 23.27 10.82 20.55
C PRO B 292 24.54 10.82 19.68
N LEU B 293 25.10 9.65 19.38
CA LEU B 293 26.22 9.54 18.41
C LEU B 293 25.85 10.26 17.12
N GLY B 294 24.61 10.13 16.64
CA GLY B 294 24.15 10.90 15.46
C GLY B 294 24.92 10.56 14.19
N LYS B 295 25.22 9.29 13.93
CA LYS B 295 25.82 8.82 12.65
C LYS B 295 24.76 8.12 11.79
N GLN B 296 24.57 8.62 10.56
CA GLN B 296 23.49 8.15 9.66
C GLN B 296 23.85 6.73 9.21
N GLY B 297 22.86 5.83 9.12
CA GLY B 297 23.05 4.46 8.63
C GLY B 297 23.08 4.40 7.11
N TYR B 298 23.06 3.21 6.55
CA TYR B 298 23.33 2.99 5.12
C TYR B 298 22.88 1.59 4.73
N GLN B 299 22.79 1.39 3.41
CA GLN B 299 22.48 0.07 2.84
C GLN B 299 23.78 -0.74 2.81
N LEU B 300 23.78 -1.88 3.50
CA LEU B 300 24.91 -2.82 3.58
C LEU B 300 24.89 -3.73 2.36
N ARG B 301 23.72 -4.25 1.99
CA ARG B 301 23.57 -5.29 0.96
C ARG B 301 22.22 -5.16 0.26
N GLN B 302 22.17 -5.48 -1.04
CA GLN B 302 20.97 -5.56 -1.90
C GLN B 302 21.11 -6.80 -2.79
N GLY B 303 20.01 -7.49 -3.07
CA GLY B 303 20.01 -8.66 -3.96
C GLY B 303 18.84 -9.57 -3.64
N ASP B 304 18.25 -10.18 -4.67
CA ASP B 304 17.18 -11.20 -4.52
C ASP B 304 15.96 -10.54 -3.85
N ASN B 305 15.68 -9.29 -4.23
CA ASN B 305 14.66 -8.39 -3.62
C ASN B 305 14.77 -8.43 -2.10
N PHE B 306 15.99 -8.40 -1.56
CA PHE B 306 16.26 -8.13 -0.13
C PHE B 306 17.15 -6.90 -0.04
N GLU B 307 16.97 -6.17 1.06
CA GLU B 307 17.90 -5.10 1.46
C GLU B 307 18.28 -5.31 2.91
N VAL B 308 19.55 -5.12 3.22
CA VAL B 308 20.07 -5.00 4.62
C VAL B 308 20.66 -3.61 4.77
N TRP B 309 20.07 -2.84 5.69
CA TRP B 309 20.59 -1.55 6.18
C TRP B 309 21.10 -1.72 7.61
N GLU B 310 22.02 -0.85 8.04
CA GLU B 310 22.47 -0.81 9.45
C GLU B 310 22.84 0.61 9.83
N ARG B 311 22.80 0.88 11.12
CA ARG B 311 23.20 2.20 11.67
C ARG B 311 24.03 1.95 12.93
N PRO B 312 25.24 2.54 13.02
CA PRO B 312 26.01 2.52 14.26
C PRO B 312 25.37 3.43 15.32
N LEU B 313 25.25 2.92 16.55
CA LEU B 313 24.69 3.65 17.73
C LEU B 313 25.82 3.81 18.78
N SER B 314 25.69 4.78 19.68
CA SER B 314 26.61 4.94 20.83
C SER B 314 26.68 3.63 21.61
N GLY B 315 27.86 3.30 22.12
CA GLY B 315 28.00 2.17 23.06
C GLY B 315 28.19 0.86 22.34
N LEU B 316 28.70 0.89 21.11
CA LEU B 316 29.03 -0.33 20.31
C LEU B 316 27.76 -1.13 19.98
N ALA B 317 26.62 -0.45 19.94
CA ALA B 317 25.33 -1.06 19.53
C ALA B 317 25.08 -0.71 18.06
N TRP B 318 24.36 -1.57 17.36
CA TRP B 318 23.92 -1.34 15.95
C TRP B 318 22.43 -1.61 15.81
N ALA B 319 21.76 -0.80 15.00
CA ALA B 319 20.44 -1.13 14.43
C ALA B 319 20.66 -1.76 13.05
N VAL B 320 19.94 -2.85 12.79
CA VAL B 320 19.90 -3.57 11.48
C VAL B 320 18.45 -3.67 11.00
N ALA B 321 18.20 -3.27 9.76
CA ALA B 321 16.88 -3.33 9.10
C ALA B 321 16.97 -4.31 7.94
N MET B 322 16.08 -5.28 7.89
CA MET B 322 15.99 -6.21 6.72
C MET B 322 14.66 -5.97 6.00
N ILE B 323 14.72 -5.59 4.72
CA ILE B 323 13.55 -5.23 3.89
C ILE B 323 13.34 -6.33 2.86
N ASN B 324 12.09 -6.78 2.73
CA ASN B 324 11.67 -7.70 1.64
C ASN B 324 10.98 -6.84 0.59
N ARG B 325 11.61 -6.70 -0.59
CA ARG B 325 11.14 -5.86 -1.70
C ARG B 325 10.34 -6.69 -2.70
N GLN B 326 10.17 -8.00 -2.45
CA GLN B 326 9.29 -8.88 -3.25
C GLN B 326 7.85 -8.59 -2.84
N GLU B 327 7.02 -8.19 -3.80
CA GLU B 327 5.64 -7.71 -3.58
C GLU B 327 4.66 -8.81 -3.96
N ILE B 328 5.00 -10.06 -3.59
CA ILE B 328 4.19 -11.27 -3.88
C ILE B 328 4.60 -12.34 -2.88
N GLY B 329 3.72 -13.30 -2.67
CA GLY B 329 3.98 -14.47 -1.82
C GLY B 329 3.88 -14.13 -0.36
N GLY B 330 4.72 -14.80 0.43
CA GLY B 330 4.61 -14.87 1.90
C GLY B 330 5.89 -14.36 2.54
N PRO B 331 6.01 -14.47 3.88
CA PRO B 331 7.21 -14.04 4.59
C PRO B 331 8.41 -14.83 4.03
N ARG B 332 9.52 -14.18 3.72
CA ARG B 332 10.71 -14.85 3.15
C ARG B 332 11.78 -14.96 4.23
N SER B 333 12.50 -16.08 4.25
CA SER B 333 13.60 -16.31 5.22
C SER B 333 14.84 -15.60 4.71
N TYR B 334 15.55 -14.95 5.61
CA TYR B 334 16.88 -14.37 5.32
C TYR B 334 17.80 -14.78 6.47
N THR B 335 18.97 -15.34 6.14
CA THR B 335 20.01 -15.65 7.15
C THR B 335 21.26 -14.84 6.81
N ILE B 336 21.97 -14.42 7.84
CA ILE B 336 23.28 -13.71 7.68
C ILE B 336 24.12 -14.05 8.91
N ALA B 337 25.41 -14.22 8.66
CA ALA B 337 26.46 -14.28 9.69
C ALA B 337 26.44 -12.97 10.47
N VAL B 338 26.33 -13.08 11.78
CA VAL B 338 26.32 -11.92 12.70
C VAL B 338 27.65 -11.17 12.54
N ALA B 339 28.72 -11.89 12.19
CA ALA B 339 30.07 -11.34 11.88
C ALA B 339 29.97 -10.27 10.79
N SER B 340 29.02 -10.39 9.83
CA SER B 340 28.91 -9.47 8.68
C SER B 340 28.20 -8.17 9.07
N LEU B 341 27.56 -8.12 10.24
CA LEU B 341 26.81 -6.94 10.73
C LEU B 341 27.74 -6.07 11.59
N GLY B 342 27.44 -4.78 11.66
CA GLY B 342 28.12 -3.78 12.51
C GLY B 342 29.63 -3.77 12.31
N LYS B 343 30.06 -3.90 11.05
CA LYS B 343 31.47 -3.97 10.60
C LYS B 343 32.26 -5.01 11.42
N GLY B 344 31.64 -6.14 11.78
CA GLY B 344 32.25 -7.20 12.60
C GLY B 344 32.45 -6.82 14.06
N VAL B 345 32.13 -5.58 14.43
CA VAL B 345 32.30 -5.02 15.80
C VAL B 345 31.12 -5.45 16.66
N ALA B 346 29.91 -5.36 16.11
CA ALA B 346 28.63 -5.39 16.86
C ALA B 346 28.66 -6.57 17.81
N CYS B 347 29.02 -7.76 17.31
CA CYS B 347 28.84 -9.06 17.98
C CYS B 347 30.21 -9.72 18.26
N ASN B 348 31.25 -8.90 18.47
CA ASN B 348 32.60 -9.36 18.90
C ASN B 348 32.79 -9.01 20.38
N PRO B 349 32.85 -10.01 21.30
CA PRO B 349 32.80 -11.43 20.97
C PRO B 349 31.36 -11.99 20.93
N ALA B 350 30.40 -11.20 21.40
CA ALA B 350 28.97 -11.54 21.38
C ALA B 350 28.13 -10.27 21.29
N CYS B 351 26.90 -10.43 20.82
CA CYS B 351 25.83 -9.41 20.98
C CYS B 351 24.57 -10.09 21.50
N PHE B 352 23.79 -9.31 22.24
CA PHE B 352 22.38 -9.58 22.55
C PHE B 352 21.51 -8.86 21.50
N ILE B 353 20.66 -9.63 20.84
CA ILE B 353 19.75 -9.14 19.76
C ILE B 353 18.30 -9.06 20.27
N THR B 354 17.73 -7.87 20.15
CA THR B 354 16.31 -7.58 20.37
C THR B 354 15.68 -7.18 19.03
N GLN B 355 14.73 -7.96 18.54
CA GLN B 355 13.80 -7.52 17.47
C GLN B 355 12.96 -6.37 18.03
N LEU B 356 12.83 -5.27 17.29
CA LEU B 356 11.97 -4.12 17.70
C LEU B 356 10.73 -4.05 16.79
N LEU B 357 10.88 -4.34 15.49
CA LEU B 357 9.77 -4.30 14.50
C LEU B 357 9.78 -5.61 13.70
N PRO B 358 8.62 -6.15 13.28
CA PRO B 358 7.30 -5.53 13.52
C PRO B 358 6.79 -5.61 14.96
N VAL B 359 7.32 -6.55 15.75
CA VAL B 359 7.02 -6.68 17.21
C VAL B 359 8.33 -6.75 18.00
N LYS B 360 8.28 -6.39 19.28
CA LYS B 360 9.46 -6.39 20.17
C LYS B 360 9.63 -7.79 20.77
N ARG B 361 10.78 -8.41 20.53
CA ARG B 361 11.07 -9.83 20.90
C ARG B 361 12.57 -9.94 21.21
N LYS B 362 12.92 -10.20 22.46
CA LYS B 362 14.29 -10.61 22.86
C LYS B 362 14.64 -11.88 22.09
N LEU B 363 15.67 -11.86 21.26
CA LEU B 363 16.19 -13.04 20.47
C LEU B 363 17.38 -13.72 21.20
N GLY B 364 18.08 -13.05 22.11
CA GLY B 364 19.13 -13.68 22.94
C GLY B 364 20.56 -13.39 22.48
N PHE B 365 21.53 -14.15 23.02
CA PHE B 365 22.99 -13.96 22.80
C PHE B 365 23.39 -14.60 21.49
N TYR B 366 24.07 -13.85 20.63
CA TYR B 366 24.69 -14.36 19.38
C TYR B 366 26.20 -14.17 19.48
N GLU B 367 26.91 -15.29 19.48
CA GLU B 367 28.38 -15.35 19.41
C GLU B 367 28.80 -14.80 18.05
N TRP B 368 29.95 -14.14 18.00
CA TRP B 368 30.59 -13.62 16.75
C TRP B 368 30.50 -14.64 15.62
N THR B 369 30.58 -15.96 15.87
CA THR B 369 30.61 -16.95 14.76
C THR B 369 29.18 -17.39 14.35
N SER B 370 28.13 -16.92 15.02
CA SER B 370 26.76 -17.46 14.84
C SER B 370 26.02 -16.79 13.67
N ARG B 371 24.91 -17.41 13.22
CA ARG B 371 24.00 -16.90 12.15
C ARG B 371 22.71 -16.35 12.78
N LEU B 372 22.20 -15.27 12.20
CA LEU B 372 20.86 -14.69 12.49
C LEU B 372 19.89 -15.16 11.41
N ARG B 373 18.80 -15.83 11.81
CA ARG B 373 17.70 -16.31 10.93
C ARG B 373 16.47 -15.44 11.19
N SER B 374 15.93 -14.78 10.15
CA SER B 374 14.69 -13.97 10.23
C SER B 374 13.74 -14.34 9.10
N HIS B 375 12.47 -13.98 9.27
CA HIS B 375 11.40 -14.04 8.25
C HIS B 375 10.85 -12.63 8.07
N ILE B 376 10.84 -12.11 6.84
CA ILE B 376 10.45 -10.70 6.54
C ILE B 376 9.23 -10.69 5.61
N ASN B 377 8.19 -9.99 6.04
CA ASN B 377 6.93 -9.79 5.28
C ASN B 377 7.22 -9.00 4.02
N PRO B 378 6.59 -9.36 2.89
CA PRO B 378 6.53 -8.51 1.71
C PRO B 378 6.22 -7.03 2.01
N THR B 379 7.13 -6.16 1.57
CA THR B 379 7.12 -4.67 1.70
C THR B 379 7.37 -4.26 3.14
N GLY B 380 7.62 -5.23 4.00
CA GLY B 380 7.91 -5.03 5.44
C GLY B 380 9.40 -5.02 5.72
N THR B 381 9.74 -4.70 6.96
CA THR B 381 11.12 -4.60 7.49
C THR B 381 11.14 -5.24 8.87
N VAL B 382 12.15 -6.06 9.12
CA VAL B 382 12.55 -6.51 10.50
C VAL B 382 13.65 -5.56 10.97
N LEU B 383 13.38 -4.80 12.04
CA LEU B 383 14.34 -3.92 12.72
C LEU B 383 14.85 -4.61 13.99
N LEU B 384 16.17 -4.72 14.11
CA LEU B 384 16.89 -5.43 15.21
C LEU B 384 17.83 -4.42 15.86
N GLN B 385 18.00 -4.51 17.17
CA GLN B 385 19.04 -3.77 17.93
C GLN B 385 20.06 -4.81 18.41
N LEU B 386 21.32 -4.60 18.05
CA LEU B 386 22.48 -5.46 18.42
C LEU B 386 23.27 -4.73 19.50
N GLU B 387 23.40 -5.32 20.69
CA GLU B 387 24.15 -4.75 21.84
C GLU B 387 25.41 -5.60 22.00
N ASN B 388 26.57 -4.99 21.84
CA ASN B 388 27.88 -5.65 22.09
C ASN B 388 27.97 -6.09 23.56
N THR B 389 28.38 -7.33 23.81
CA THR B 389 28.43 -7.89 25.18
C THR B 389 29.59 -8.89 25.31
N MET B 390 30.01 -9.14 26.54
CA MET B 390 31.06 -10.12 26.90
C MET B 390 30.40 -11.39 27.45
N GLN B 391 29.28 -11.27 28.14
CA GLN B 391 28.40 -12.44 28.48
C GLN B 391 28.17 -13.24 27.19
N MET B 392 28.25 -14.58 27.28
CA MET B 392 28.03 -15.56 26.17
C MET B 392 28.93 -15.22 24.97
#